data_2VD0
#
_entry.id   2VD0
#
_cell.length_a   123.940
_cell.length_b   123.940
_cell.length_c   106.445
_cell.angle_alpha   90.00
_cell.angle_beta   90.00
_cell.angle_gamma   90.00
#
_symmetry.space_group_name_H-M   'I 41'
#
loop_
_entity.id
_entity.type
_entity.pdbx_description
1 polymer 'GLUTATHIONE-REQUIRING PROSTAGLANDIN D SYNTHASE'
2 non-polymer GLUTATHIONE
3 non-polymer '2-{[(2E)-3-(3,4-dimethoxyphenyl)prop-2-enoyl]amino}benzoic acid'
4 non-polymer GLYCEROL
5 water water
#
_entity_poly.entity_id   1
_entity_poly.type   'polypeptide(L)'
_entity_poly.pdbx_seq_one_letter_code
;MPNYKLTYFNMRGRAEIIRYIFAYLDIQYEDHRIEQADWPEIKSTLPFGKIPILEVDGLTLHQSLAIARYLTKNTDLAGN
TEMEQCHVDAIVDTLDDFMSCFPWAEKKQDVKEQMFNELLTYNAPHLMQDLDTYLGGREWLIGNSVTWADFYWEICSTTL
LVFKPDLLDNHPRLVTLRKKVQAIPAVANWIKRRPQTKL
;
_entity_poly.pdbx_strand_id   A,B,C,D
#
# COMPACT_ATOMS: atom_id res chain seq x y z
N PRO A 2 -22.35 -4.66 -41.17
CA PRO A 2 -21.08 -5.38 -41.24
C PRO A 2 -21.22 -6.78 -40.72
N ASN A 3 -20.68 -7.74 -41.46
CA ASN A 3 -20.75 -9.12 -41.03
C ASN A 3 -19.51 -9.54 -40.24
N TYR A 4 -19.72 -9.67 -38.93
CA TYR A 4 -18.67 -10.04 -37.98
C TYR A 4 -18.69 -11.50 -37.58
N LYS A 5 -17.50 -12.10 -37.55
CA LYS A 5 -17.36 -13.46 -37.04
C LYS A 5 -16.15 -13.54 -36.12
N LEU A 6 -16.40 -13.93 -34.88
CA LEU A 6 -15.35 -14.10 -33.89
C LEU A 6 -15.03 -15.58 -33.70
N THR A 7 -13.73 -15.90 -33.67
CA THR A 7 -13.24 -17.25 -33.47
C THR A 7 -12.32 -17.36 -32.26
N TYR A 8 -12.66 -18.26 -31.35
CA TYR A 8 -11.87 -18.52 -30.15
C TYR A 8 -12.25 -19.89 -29.60
N PHE A 9 -11.62 -20.28 -28.50
CA PHE A 9 -11.98 -21.51 -27.82
C PHE A 9 -13.32 -21.35 -27.08
N ASN A 10 -13.90 -22.44 -26.59
CA ASN A 10 -15.11 -22.38 -25.78
C ASN A 10 -14.69 -21.97 -24.37
N MET A 11 -14.50 -20.66 -24.22
CA MET A 11 -14.15 -20.06 -22.93
C MET A 11 -14.24 -18.55 -23.05
N ARG A 12 -14.21 -17.89 -21.90
CA ARG A 12 -14.24 -16.43 -21.88
C ARG A 12 -12.85 -15.97 -22.35
N GLY A 13 -11.83 -16.34 -21.60
CA GLY A 13 -10.44 -16.01 -21.92
C GLY A 13 -10.21 -14.64 -22.52
N ARG A 14 -9.43 -14.63 -23.61
CA ARG A 14 -9.04 -13.40 -24.28
C ARG A 14 -10.12 -12.89 -25.27
N ALA A 15 -11.16 -13.67 -25.48
CA ALA A 15 -12.23 -13.21 -26.36
C ALA A 15 -13.34 -12.48 -25.62
N GLU A 16 -13.52 -12.73 -24.33
CA GLU A 16 -14.65 -12.16 -23.56
C GLU A 16 -14.80 -10.64 -23.70
N ILE A 17 -13.67 -9.91 -23.72
CA ILE A 17 -13.73 -8.44 -23.87
C ILE A 17 -14.40 -8.06 -25.19
N ILE A 18 -14.09 -8.78 -26.24
CA ILE A 18 -14.73 -8.53 -27.53
C ILE A 18 -16.23 -8.81 -27.44
N ARG A 19 -16.59 -9.93 -26.81
CA ARG A 19 -18.00 -10.31 -26.61
C ARG A 19 -18.79 -9.29 -25.79
N TYR A 20 -18.20 -8.73 -24.74
CA TYR A 20 -18.88 -7.68 -23.94
C TYR A 20 -19.13 -6.46 -24.78
N ILE A 21 -18.15 -6.11 -25.59
CA ILE A 21 -18.25 -4.95 -26.44
C ILE A 21 -19.34 -5.09 -27.48
N PHE A 22 -19.33 -6.22 -28.18
CA PHE A 22 -20.36 -6.49 -29.17
C PHE A 22 -21.71 -6.40 -28.48
N ALA A 23 -21.85 -7.03 -27.31
CA ALA A 23 -23.11 -7.02 -26.53
C ALA A 23 -23.57 -5.61 -26.16
N TYR A 24 -22.66 -4.83 -25.59
CA TYR A 24 -22.98 -3.46 -25.17
C TYR A 24 -23.34 -2.53 -26.31
N LEU A 25 -22.66 -2.68 -27.45
CA LEU A 25 -22.94 -1.80 -28.59
C LEU A 25 -24.08 -2.33 -29.44
N ASP A 26 -24.69 -3.44 -29.02
CA ASP A 26 -25.82 -4.02 -29.73
C ASP A 26 -25.44 -4.26 -31.21
N ILE A 27 -24.31 -4.96 -31.37
CA ILE A 27 -23.75 -5.31 -32.68
C ILE A 27 -23.82 -6.82 -32.78
N GLN A 28 -24.53 -7.31 -33.80
CA GLN A 28 -24.69 -8.76 -33.99
C GLN A 28 -23.40 -9.34 -34.57
N TYR A 29 -23.12 -10.61 -34.26
CA TYR A 29 -21.91 -11.27 -34.74
C TYR A 29 -22.03 -12.79 -34.51
N GLU A 30 -21.19 -13.57 -35.18
CA GLU A 30 -21.18 -15.00 -34.96
C GLU A 30 -20.13 -15.33 -33.90
N ASP A 31 -20.58 -15.91 -32.80
CA ASP A 31 -19.67 -16.28 -31.75
C ASP A 31 -19.21 -17.70 -32.03
N HIS A 32 -18.20 -17.84 -32.88
CA HIS A 32 -17.74 -19.17 -33.24
C HIS A 32 -16.71 -19.72 -32.28
N ARG A 33 -17.07 -20.83 -31.64
CA ARG A 33 -16.20 -21.47 -30.67
C ARG A 33 -15.77 -22.85 -31.21
N ILE A 34 -14.47 -23.13 -31.08
CA ILE A 34 -13.88 -24.35 -31.60
C ILE A 34 -13.35 -25.21 -30.46
N GLU A 35 -13.14 -26.50 -30.75
CA GLU A 35 -12.57 -27.42 -29.78
C GLU A 35 -11.13 -27.71 -30.21
N GLN A 36 -10.30 -28.22 -29.29
CA GLN A 36 -8.88 -28.53 -29.58
C GLN A 36 -8.61 -29.24 -30.93
N ALA A 37 -9.46 -30.19 -31.27
CA ALA A 37 -9.34 -31.00 -32.49
C ALA A 37 -9.29 -30.21 -33.79
N ASP A 38 -9.97 -29.06 -33.82
CA ASP A 38 -10.04 -28.24 -35.03
C ASP A 38 -9.03 -27.08 -35.04
N TRP A 39 -8.19 -27.00 -34.02
CA TRP A 39 -7.21 -25.92 -33.90
C TRP A 39 -6.10 -25.95 -34.98
N PRO A 40 -5.40 -27.10 -35.16
CA PRO A 40 -4.36 -27.19 -36.19
C PRO A 40 -4.77 -26.75 -37.61
N GLU A 41 -5.96 -27.15 -38.06
CA GLU A 41 -6.44 -26.75 -39.39
C GLU A 41 -6.59 -25.22 -39.48
N ILE A 42 -7.34 -24.66 -38.54
CA ILE A 42 -7.59 -23.22 -38.50
C ILE A 42 -6.27 -22.44 -38.30
N LYS A 43 -5.49 -22.85 -37.30
CA LYS A 43 -4.20 -22.21 -36.98
C LYS A 43 -3.32 -21.95 -38.22
N SER A 44 -3.13 -22.98 -39.05
CA SER A 44 -2.30 -22.91 -40.25
C SER A 44 -2.71 -21.83 -41.25
N THR A 45 -3.97 -21.41 -41.22
CA THR A 45 -4.46 -20.39 -42.15
C THR A 45 -4.22 -19.00 -41.59
N LEU A 46 -3.80 -18.95 -40.33
CA LEU A 46 -3.58 -17.70 -39.63
C LEU A 46 -2.16 -17.19 -39.71
N PRO A 47 -2.01 -15.93 -40.19
CA PRO A 47 -0.72 -15.25 -40.29
C PRO A 47 0.13 -15.28 -39.01
N PHE A 48 -0.48 -15.14 -37.84
CA PHE A 48 0.27 -15.17 -36.60
C PHE A 48 -0.01 -16.38 -35.70
N GLY A 49 -0.85 -17.28 -36.17
CA GLY A 49 -1.12 -18.54 -35.49
C GLY A 49 -1.78 -18.46 -34.14
N LYS A 50 -2.49 -17.36 -33.90
CA LYS A 50 -3.15 -17.16 -32.60
C LYS A 50 -4.58 -16.68 -32.66
N ILE A 51 -5.34 -17.09 -31.65
CA ILE A 51 -6.70 -16.63 -31.46
C ILE A 51 -6.82 -15.82 -30.16
N PRO A 52 -7.83 -14.95 -30.06
CA PRO A 52 -8.91 -14.71 -31.04
C PRO A 52 -8.58 -14.02 -32.37
N ILE A 53 -9.44 -14.26 -33.35
CA ILE A 53 -9.43 -13.52 -34.59
C ILE A 53 -10.85 -13.07 -34.84
N LEU A 54 -10.99 -11.94 -35.52
CA LEU A 54 -12.27 -11.42 -35.89
C LEU A 54 -12.25 -11.22 -37.39
N GLU A 55 -13.21 -11.82 -38.08
CA GLU A 55 -13.35 -11.62 -39.54
C GLU A 55 -14.45 -10.57 -39.75
N VAL A 56 -14.12 -9.51 -40.46
CA VAL A 56 -15.07 -8.43 -40.73
C VAL A 56 -15.27 -8.37 -42.24
N ASP A 57 -16.48 -8.73 -42.70
CA ASP A 57 -16.77 -8.80 -44.14
C ASP A 57 -15.66 -9.57 -44.85
N GLY A 58 -15.21 -10.67 -44.23
CA GLY A 58 -14.18 -11.53 -44.80
C GLY A 58 -12.72 -11.18 -44.55
N LEU A 59 -12.45 -10.00 -43.97
CA LEU A 59 -11.07 -9.56 -43.68
C LEU A 59 -10.72 -9.92 -42.23
N THR A 60 -9.65 -10.68 -42.04
CA THR A 60 -9.23 -11.15 -40.71
C THR A 60 -8.45 -10.14 -39.86
N LEU A 61 -8.89 -9.99 -38.61
CA LEU A 61 -8.25 -9.13 -37.62
C LEU A 61 -7.79 -10.01 -36.48
N HIS A 62 -6.70 -9.65 -35.85
CA HIS A 62 -6.14 -10.44 -34.78
C HIS A 62 -5.70 -9.50 -33.65
N GLN A 63 -5.32 -10.09 -32.51
CA GLN A 63 -4.94 -9.40 -31.27
C GLN A 63 -6.19 -8.86 -30.57
N SER A 64 -6.57 -9.52 -29.48
CA SER A 64 -7.81 -9.19 -28.79
C SER A 64 -7.98 -7.73 -28.36
N LEU A 65 -6.95 -7.11 -27.80
CA LEU A 65 -7.05 -5.71 -27.35
C LEU A 65 -7.04 -4.77 -28.54
N ALA A 66 -6.36 -5.17 -29.60
CA ALA A 66 -6.35 -4.40 -30.82
C ALA A 66 -7.77 -4.36 -31.40
N ILE A 67 -8.44 -5.50 -31.37
CA ILE A 67 -9.81 -5.68 -31.86
C ILE A 67 -10.78 -4.97 -30.93
N ALA A 68 -10.63 -5.15 -29.61
CA ALA A 68 -11.51 -4.46 -28.66
C ALA A 68 -11.48 -2.96 -28.95
N ARG A 69 -10.29 -2.41 -29.13
CA ARG A 69 -10.16 -0.98 -29.35
C ARG A 69 -10.78 -0.53 -30.69
N TYR A 70 -10.60 -1.33 -31.72
CA TYR A 70 -11.21 -1.09 -33.01
C TYR A 70 -12.73 -1.02 -32.87
N LEU A 71 -13.32 -1.91 -32.09
CA LEU A 71 -14.79 -1.94 -31.95
C LEU A 71 -15.34 -0.78 -31.12
N THR A 72 -14.51 -0.21 -30.25
CA THR A 72 -14.98 0.88 -29.42
C THR A 72 -14.68 2.22 -30.03
N LYS A 73 -14.02 2.24 -31.18
CA LYS A 73 -13.61 3.50 -31.76
C LYS A 73 -14.83 4.34 -32.10
N ASN A 74 -14.78 5.61 -31.71
CA ASN A 74 -15.87 6.58 -31.94
C ASN A 74 -17.13 6.30 -31.11
N THR A 75 -16.97 5.56 -30.03
CA THR A 75 -18.09 5.26 -29.13
C THR A 75 -17.68 5.78 -27.77
N ASP A 76 -18.62 5.89 -26.85
CA ASP A 76 -18.30 6.40 -25.52
C ASP A 76 -17.56 5.40 -24.65
N LEU A 77 -17.63 4.11 -25.01
CA LEU A 77 -16.83 3.08 -24.35
C LEU A 77 -15.33 3.32 -24.47
N ALA A 78 -14.93 4.10 -25.47
CA ALA A 78 -13.52 4.35 -25.74
C ALA A 78 -12.82 5.30 -24.78
N GLY A 79 -13.59 6.21 -24.18
CA GLY A 79 -13.02 7.28 -23.36
C GLY A 79 -13.49 8.55 -24.04
N ASN A 80 -13.88 9.52 -23.25
CA ASN A 80 -14.46 10.77 -23.80
C ASN A 80 -13.47 11.70 -24.53
N THR A 81 -12.22 11.71 -24.09
CA THR A 81 -11.17 12.53 -24.71
C THR A 81 -10.00 11.63 -25.13
N GLU A 82 -9.03 12.17 -25.90
CA GLU A 82 -7.85 11.38 -26.27
C GLU A 82 -7.04 11.08 -25.00
N MET A 83 -7.07 12.00 -24.05
CA MET A 83 -6.39 11.77 -22.77
C MET A 83 -7.05 10.61 -21.99
N GLU A 84 -8.39 10.57 -21.97
CA GLU A 84 -9.10 9.50 -21.27
C GLU A 84 -8.87 8.18 -21.99
N GLN A 85 -8.81 8.22 -23.32
CA GLN A 85 -8.51 7.05 -24.12
C GLN A 85 -7.14 6.51 -23.72
N CYS A 86 -6.17 7.38 -23.45
CA CYS A 86 -4.86 6.95 -23.01
C CYS A 86 -4.95 6.20 -21.67
N HIS A 87 -5.69 6.78 -20.71
CA HIS A 87 -5.86 6.18 -19.39
C HIS A 87 -6.59 4.84 -19.51
N VAL A 88 -7.58 4.76 -20.40
CA VAL A 88 -8.29 3.51 -20.66
C VAL A 88 -7.30 2.45 -21.19
N ASP A 89 -6.50 2.81 -22.19
CA ASP A 89 -5.51 1.90 -22.75
C ASP A 89 -4.51 1.45 -21.70
N ALA A 90 -4.11 2.37 -20.83
CA ALA A 90 -3.11 2.08 -19.82
C ALA A 90 -3.64 1.10 -18.80
N ILE A 91 -4.89 1.28 -18.39
CA ILE A 91 -5.47 0.38 -17.38
C ILE A 91 -5.62 -1.02 -17.97
N VAL A 92 -6.09 -1.07 -19.21
CA VAL A 92 -6.24 -2.34 -19.91
C VAL A 92 -4.88 -3.07 -20.00
N ASP A 93 -3.81 -2.35 -20.38
CA ASP A 93 -2.46 -2.93 -20.47
C ASP A 93 -1.93 -3.38 -19.11
N THR A 94 -2.20 -2.61 -18.06
CA THR A 94 -1.81 -2.96 -16.70
C THR A 94 -2.41 -4.31 -16.26
N LEU A 95 -3.68 -4.47 -16.58
CA LEU A 95 -4.42 -5.69 -16.24
C LEU A 95 -3.91 -6.85 -17.08
N ASP A 96 -3.65 -6.60 -18.35
CA ASP A 96 -3.17 -7.63 -19.24
C ASP A 96 -1.75 -8.07 -18.81
N ASP A 97 -0.87 -7.11 -18.51
CA ASP A 97 0.46 -7.47 -18.03
C ASP A 97 0.36 -8.42 -16.85
N PHE A 98 -0.55 -8.14 -15.90
CA PHE A 98 -0.68 -8.99 -14.73
C PHE A 98 -1.28 -10.35 -15.08
N MET A 99 -2.30 -10.36 -15.93
CA MET A 99 -2.94 -11.61 -16.34
C MET A 99 -1.94 -12.51 -17.07
N SER A 100 -0.96 -11.90 -17.73
CA SER A 100 0.07 -12.63 -18.44
C SER A 100 1.10 -13.32 -17.55
N CYS A 101 1.15 -12.97 -16.27
CA CYS A 101 2.06 -13.61 -15.33
C CYS A 101 1.66 -15.03 -14.98
N PHE A 102 0.41 -15.37 -15.22
CA PHE A 102 -0.06 -16.68 -14.86
C PHE A 102 0.38 -17.73 -15.84
N PRO A 103 0.93 -18.85 -15.34
CA PRO A 103 1.36 -19.94 -16.23
C PRO A 103 0.17 -20.79 -16.57
N TRP A 104 -0.70 -20.25 -17.43
CA TRP A 104 -1.93 -20.93 -17.79
C TRP A 104 -1.71 -22.27 -18.46
N ALA A 105 -0.65 -22.36 -19.23
CA ALA A 105 -0.34 -23.55 -20.02
C ALA A 105 0.52 -24.58 -19.29
N GLU A 106 1.01 -24.24 -18.08
CA GLU A 106 1.91 -25.13 -17.33
C GLU A 106 1.36 -26.54 -17.18
N LYS A 107 2.16 -27.50 -17.61
CA LYS A 107 1.82 -28.92 -17.57
C LYS A 107 2.04 -29.58 -16.20
N LYS A 108 3.06 -29.13 -15.46
CA LYS A 108 3.33 -29.66 -14.12
C LYS A 108 2.33 -29.02 -13.15
N GLN A 109 1.30 -29.74 -12.79
CA GLN A 109 0.26 -29.26 -11.87
C GLN A 109 0.73 -28.69 -10.54
N ASP A 110 1.77 -29.28 -9.95
CA ASP A 110 2.27 -28.78 -8.67
C ASP A 110 2.93 -27.42 -8.83
N VAL A 111 3.62 -27.24 -9.95
CA VAL A 111 4.30 -25.99 -10.27
C VAL A 111 3.22 -24.94 -10.54
N LYS A 112 2.25 -25.28 -11.38
CA LYS A 112 1.16 -24.39 -11.67
C LYS A 112 0.52 -23.89 -10.36
N GLU A 113 0.08 -24.82 -9.51
CA GLU A 113 -0.49 -24.50 -8.18
C GLU A 113 0.41 -23.55 -7.37
N GLN A 114 1.68 -23.90 -7.19
CA GLN A 114 2.62 -23.02 -6.44
C GLN A 114 2.75 -21.61 -7.03
N MET A 115 2.79 -21.50 -8.36
CA MET A 115 2.93 -20.20 -9.02
C MET A 115 1.66 -19.36 -8.86
N PHE A 116 0.50 -19.97 -9.09
CA PHE A 116 -0.80 -19.29 -8.87
C PHE A 116 -0.90 -18.76 -7.47
N ASN A 117 -0.53 -19.58 -6.48
CA ASN A 117 -0.60 -19.20 -5.08
C ASN A 117 0.31 -18.04 -4.76
N GLU A 118 1.52 -18.06 -5.29
CA GLU A 118 2.42 -16.96 -5.02
C GLU A 118 2.04 -15.66 -5.75
N LEU A 119 1.53 -15.76 -6.98
CA LEU A 119 1.06 -14.56 -7.68
C LEU A 119 -0.16 -14.01 -6.99
N LEU A 120 -1.02 -14.89 -6.47
CA LEU A 120 -2.25 -14.47 -5.80
C LEU A 120 -2.08 -13.98 -4.35
N THR A 121 -0.98 -14.39 -3.73
CA THR A 121 -0.62 -14.04 -2.36
C THR A 121 0.15 -12.71 -2.30
N TYR A 122 1.02 -12.49 -3.29
CA TYR A 122 1.86 -11.29 -3.27
C TYR A 122 1.48 -10.26 -4.31
N ASN A 123 1.64 -10.61 -5.58
CA ASN A 123 1.37 -9.65 -6.64
C ASN A 123 -0.10 -9.18 -6.74
N ALA A 124 -1.05 -10.11 -6.68
CA ALA A 124 -2.47 -9.71 -6.86
C ALA A 124 -2.94 -8.69 -5.81
N PRO A 125 -2.72 -8.96 -4.50
CA PRO A 125 -3.11 -7.91 -3.54
C PRO A 125 -2.39 -6.57 -3.76
N HIS A 126 -1.17 -6.57 -4.29
CA HIS A 126 -0.47 -5.30 -4.56
C HIS A 126 -1.19 -4.53 -5.65
N LEU A 127 -1.46 -5.23 -6.75
CA LEU A 127 -2.19 -4.64 -7.87
C LEU A 127 -3.58 -4.15 -7.43
N MET A 128 -4.24 -4.93 -6.57
CA MET A 128 -5.59 -4.58 -6.13
C MET A 128 -5.56 -3.25 -5.40
N GLN A 129 -4.50 -3.00 -4.63
CA GLN A 129 -4.39 -1.75 -3.88
C GLN A 129 -4.16 -0.57 -4.82
N ASP A 130 -3.33 -0.78 -5.85
CA ASP A 130 -3.07 0.25 -6.85
C ASP A 130 -4.34 0.57 -7.60
N LEU A 131 -5.09 -0.45 -8.00
CA LEU A 131 -6.37 -0.29 -8.70
C LEU A 131 -7.41 0.42 -7.84
N ASP A 132 -7.49 0.03 -6.59
CA ASP A 132 -8.45 0.58 -5.63
C ASP A 132 -8.17 2.06 -5.38
N THR A 133 -6.91 2.41 -5.14
CA THR A 133 -6.59 3.82 -4.88
C THR A 133 -6.73 4.66 -6.14
N TYR A 134 -6.49 4.05 -7.30
CA TYR A 134 -6.64 4.72 -8.60
C TYR A 134 -8.10 5.06 -8.89
N LEU A 135 -8.99 4.12 -8.56
CA LEU A 135 -10.42 4.33 -8.72
C LEU A 135 -10.90 5.33 -7.66
N GLY A 136 -10.36 5.22 -6.43
CA GLY A 136 -10.80 6.10 -5.36
C GLY A 136 -12.29 5.92 -5.14
N GLY A 137 -12.98 7.00 -4.79
CA GLY A 137 -14.43 6.93 -4.54
C GLY A 137 -15.19 7.24 -5.82
N ARG A 138 -14.53 7.20 -6.98
CA ARG A 138 -15.21 7.54 -8.25
C ARG A 138 -16.13 6.43 -8.75
N GLU A 139 -17.01 6.76 -9.66
CA GLU A 139 -17.97 5.82 -10.19
C GLU A 139 -17.33 4.77 -11.08
N TRP A 140 -16.48 5.23 -12.01
CA TRP A 140 -15.83 4.38 -13.00
C TRP A 140 -14.30 4.62 -13.01
N LEU A 141 -13.55 3.66 -13.52
CA LEU A 141 -12.11 3.77 -13.55
C LEU A 141 -11.65 5.05 -14.27
N ILE A 142 -12.25 5.36 -15.42
CA ILE A 142 -11.87 6.53 -16.19
C ILE A 142 -13.05 7.45 -16.50
N GLY A 143 -12.90 8.74 -16.18
CA GLY A 143 -13.93 9.72 -16.51
C GLY A 143 -15.23 9.46 -15.79
N ASN A 144 -16.34 9.95 -16.32
CA ASN A 144 -17.61 9.80 -15.60
C ASN A 144 -18.65 8.87 -16.21
N SER A 145 -18.23 8.11 -17.23
CA SER A 145 -19.05 7.08 -17.85
C SER A 145 -18.22 5.80 -18.03
N VAL A 146 -18.91 4.68 -18.20
CA VAL A 146 -18.26 3.37 -18.35
C VAL A 146 -17.38 3.34 -19.61
N THR A 147 -16.23 2.67 -19.49
CA THR A 147 -15.34 2.46 -20.64
C THR A 147 -15.03 0.98 -20.69
N TRP A 148 -14.44 0.51 -21.78
CA TRP A 148 -14.11 -0.90 -21.85
C TRP A 148 -13.02 -1.31 -20.85
N ALA A 149 -12.40 -0.33 -20.17
CA ALA A 149 -11.44 -0.62 -19.13
C ALA A 149 -12.20 -1.17 -17.94
N ASP A 150 -13.38 -0.63 -17.64
CA ASP A 150 -14.22 -1.17 -16.58
C ASP A 150 -14.60 -2.61 -16.93
N PHE A 151 -14.92 -2.85 -18.20
CA PHE A 151 -15.29 -4.17 -18.70
C PHE A 151 -14.16 -5.12 -18.44
N TYR A 152 -12.96 -4.74 -18.90
CA TYR A 152 -11.78 -5.59 -18.75
C TYR A 152 -11.51 -5.88 -17.30
N TRP A 153 -11.72 -4.89 -16.44
CA TRP A 153 -11.49 -5.15 -15.02
C TRP A 153 -12.46 -6.22 -14.51
N GLU A 154 -13.72 -6.10 -14.89
CA GLU A 154 -14.68 -7.08 -14.39
C GLU A 154 -14.32 -8.47 -14.90
N ILE A 155 -13.90 -8.52 -16.15
CA ILE A 155 -13.48 -9.76 -16.82
C ILE A 155 -12.26 -10.41 -16.17
N CYS A 156 -11.19 -9.64 -15.94
CA CYS A 156 -9.98 -10.20 -15.35
C CYS A 156 -10.29 -10.64 -13.91
N SER A 157 -10.93 -9.77 -13.12
CA SER A 157 -11.27 -10.14 -11.74
C SER A 157 -12.16 -11.38 -11.66
N THR A 158 -13.09 -11.56 -12.59
CA THR A 158 -13.94 -12.76 -12.57
C THR A 158 -13.11 -14.05 -12.61
N THR A 159 -12.05 -14.05 -13.44
CA THR A 159 -11.15 -15.18 -13.54
C THR A 159 -10.24 -15.32 -12.31
N LEU A 160 -9.76 -14.21 -11.76
CA LEU A 160 -8.94 -14.25 -10.55
C LEU A 160 -9.73 -14.78 -9.33
N LEU A 161 -11.03 -14.45 -9.29
CA LEU A 161 -11.91 -14.88 -8.19
C LEU A 161 -12.19 -16.38 -8.21
N VAL A 162 -11.99 -17.01 -9.36
CA VAL A 162 -12.13 -18.46 -9.48
C VAL A 162 -11.06 -19.14 -8.63
N PHE A 163 -9.88 -18.53 -8.56
CA PHE A 163 -8.72 -19.09 -7.87
C PHE A 163 -8.47 -18.55 -6.45
N LYS A 164 -8.89 -17.32 -6.18
CA LYS A 164 -8.75 -16.75 -4.86
C LYS A 164 -10.06 -16.00 -4.60
N PRO A 165 -11.15 -16.71 -4.22
CA PRO A 165 -12.45 -16.05 -3.99
C PRO A 165 -12.45 -14.87 -3.01
N ASP A 166 -11.49 -14.83 -2.09
CA ASP A 166 -11.49 -13.77 -1.10
C ASP A 166 -10.61 -12.61 -1.50
N LEU A 167 -10.18 -12.59 -2.75
CA LEU A 167 -9.25 -11.56 -3.25
C LEU A 167 -9.75 -10.12 -3.03
N LEU A 168 -11.05 -9.91 -3.23
CA LEU A 168 -11.61 -8.60 -3.10
C LEU A 168 -12.29 -8.35 -1.75
N ASP A 169 -12.08 -9.27 -0.81
CA ASP A 169 -12.71 -9.13 0.50
C ASP A 169 -12.41 -7.86 1.26
N ASN A 170 -11.27 -7.25 0.96
CA ASN A 170 -10.91 -5.98 1.58
C ASN A 170 -10.94 -4.85 0.59
N HIS A 171 -11.60 -5.07 -0.55
CA HIS A 171 -11.71 -4.01 -1.56
C HIS A 171 -13.15 -3.82 -1.99
N PRO A 172 -14.02 -3.30 -1.09
CA PRO A 172 -15.45 -3.12 -1.45
C PRO A 172 -15.68 -2.22 -2.66
N ARG A 173 -14.76 -1.26 -2.90
CA ARG A 173 -14.95 -0.37 -4.03
C ARG A 173 -14.71 -1.07 -5.37
N LEU A 174 -13.87 -2.11 -5.35
CA LEU A 174 -13.61 -2.88 -6.56
C LEU A 174 -14.74 -3.89 -6.81
N VAL A 175 -15.37 -4.36 -5.73
CA VAL A 175 -16.52 -5.27 -5.83
C VAL A 175 -17.67 -4.45 -6.42
N THR A 176 -17.92 -3.28 -5.87
CA THR A 176 -18.94 -2.37 -6.34
C THR A 176 -18.73 -2.09 -7.82
N LEU A 177 -17.48 -1.93 -8.24
CA LEU A 177 -17.19 -1.69 -9.68
C LEU A 177 -17.63 -2.92 -10.50
N ARG A 178 -17.28 -4.11 -10.05
CA ARG A 178 -17.74 -5.35 -10.73
C ARG A 178 -19.26 -5.38 -10.84
N LYS A 179 -19.96 -5.10 -9.73
CA LYS A 179 -21.44 -5.07 -9.71
C LYS A 179 -22.03 -4.04 -10.64
N LYS A 180 -21.42 -2.85 -10.73
CA LYS A 180 -21.90 -1.82 -11.68
C LYS A 180 -21.78 -2.29 -13.12
N VAL A 181 -20.67 -2.96 -13.43
CA VAL A 181 -20.44 -3.46 -14.78
C VAL A 181 -21.44 -4.58 -15.10
N GLN A 182 -21.54 -5.55 -14.20
CA GLN A 182 -22.48 -6.68 -14.41
C GLN A 182 -23.93 -6.24 -14.55
N ALA A 183 -24.28 -5.12 -13.89
CA ALA A 183 -25.64 -4.57 -13.90
C ALA A 183 -26.06 -3.82 -15.15
N ILE A 184 -25.09 -3.42 -15.98
CA ILE A 184 -25.43 -2.78 -17.25
C ILE A 184 -26.28 -3.83 -17.98
N PRO A 185 -27.49 -3.45 -18.43
CA PRO A 185 -28.44 -4.44 -19.00
C PRO A 185 -27.91 -5.28 -20.18
N ALA A 186 -27.18 -4.68 -21.12
CA ALA A 186 -26.64 -5.48 -22.24
C ALA A 186 -25.61 -6.45 -21.70
N VAL A 187 -24.96 -6.09 -20.59
CA VAL A 187 -23.95 -6.97 -19.97
C VAL A 187 -24.60 -8.07 -19.10
N ALA A 188 -25.60 -7.70 -18.32
CA ALA A 188 -26.33 -8.65 -17.49
C ALA A 188 -26.97 -9.76 -18.35
N ASN A 189 -27.49 -9.37 -19.51
CA ASN A 189 -28.08 -10.26 -20.48
C ASN A 189 -27.04 -11.23 -21.03
N TRP A 190 -25.93 -10.67 -21.51
CA TRP A 190 -24.86 -11.49 -22.07
C TRP A 190 -24.36 -12.50 -21.06
N ILE A 191 -24.16 -12.05 -19.81
CA ILE A 191 -23.66 -12.91 -18.74
C ILE A 191 -24.59 -14.06 -18.42
N LYS A 192 -25.88 -13.85 -18.65
CA LYS A 192 -26.89 -14.85 -18.37
C LYS A 192 -26.89 -15.91 -19.47
N ARG A 193 -26.82 -15.49 -20.73
CA ARG A 193 -26.92 -16.45 -21.84
C ARG A 193 -25.60 -17.04 -22.39
N ARG A 194 -24.45 -16.51 -21.97
CA ARG A 194 -23.15 -16.99 -22.44
C ARG A 194 -22.89 -18.41 -21.92
N PRO A 195 -22.18 -19.24 -22.69
CA PRO A 195 -21.84 -20.58 -22.18
C PRO A 195 -21.06 -20.50 -20.86
N GLN A 196 -21.37 -21.43 -19.96
CA GLN A 196 -20.70 -21.48 -18.66
C GLN A 196 -19.44 -22.34 -18.79
N THR A 197 -18.29 -21.73 -18.48
CA THR A 197 -16.99 -22.35 -18.58
C THR A 197 -16.20 -21.88 -17.38
N LYS A 198 -15.15 -22.59 -17.03
CA LYS A 198 -14.35 -22.19 -15.87
C LYS A 198 -13.54 -20.92 -16.18
N LEU A 199 -12.97 -20.85 -17.38
CA LEU A 199 -12.13 -19.71 -17.75
C LEU A 199 -12.67 -18.91 -18.92
N PRO B 2 2.08 22.40 -25.01
CA PRO B 2 2.14 21.39 -23.96
C PRO B 2 3.56 21.16 -23.45
N ASN B 3 3.70 20.89 -22.16
CA ASN B 3 5.00 20.60 -21.61
C ASN B 3 5.12 19.08 -21.42
N TYR B 4 6.11 18.48 -22.06
CA TYR B 4 6.30 17.04 -21.98
C TYR B 4 7.57 16.64 -21.26
N LYS B 5 7.43 15.75 -20.28
CA LYS B 5 8.56 15.19 -19.56
C LYS B 5 8.41 13.68 -19.47
N LEU B 6 9.31 12.98 -20.16
CA LEU B 6 9.36 11.55 -20.20
C LEU B 6 10.38 11.01 -19.20
N THR B 7 9.97 10.09 -18.34
CA THR B 7 10.88 9.50 -17.36
C THR B 7 11.05 7.99 -17.60
N TYR B 8 12.30 7.56 -17.67
CA TYR B 8 12.61 6.14 -17.86
C TYR B 8 14.06 5.91 -17.44
N PHE B 9 14.57 4.70 -17.61
CA PHE B 9 15.97 4.43 -17.33
C PHE B 9 16.81 5.03 -18.48
N ASN B 10 18.13 5.02 -18.33
CA ASN B 10 19.00 5.46 -19.41
C ASN B 10 19.15 4.30 -20.38
N MET B 11 18.09 4.06 -21.15
CA MET B 11 18.03 2.92 -22.08
C MET B 11 17.02 3.23 -23.13
N ARG B 12 17.15 2.58 -24.27
CA ARG B 12 16.14 2.71 -25.30
C ARG B 12 14.89 2.03 -24.70
N GLY B 13 15.00 0.73 -24.44
CA GLY B 13 13.94 -0.08 -23.86
C GLY B 13 12.54 0.28 -24.31
N ARG B 14 11.67 0.42 -23.32
CA ARG B 14 10.26 0.72 -23.56
C ARG B 14 9.93 2.19 -23.78
N ALA B 15 10.90 3.08 -23.54
CA ALA B 15 10.68 4.50 -23.78
C ALA B 15 10.98 4.87 -25.22
N GLU B 16 11.82 4.09 -25.90
CA GLU B 16 12.28 4.42 -27.27
C GLU B 16 11.16 4.70 -28.28
N ILE B 17 10.07 3.93 -28.23
CA ILE B 17 8.95 4.20 -29.18
C ILE B 17 8.37 5.62 -29.03
N ILE B 18 8.31 6.09 -27.79
CA ILE B 18 7.84 7.45 -27.45
C ILE B 18 8.84 8.49 -27.99
N ARG B 19 10.13 8.21 -27.77
CA ARG B 19 11.18 9.09 -28.29
C ARG B 19 11.16 9.23 -29.82
N TYR B 20 10.98 8.14 -30.56
CA TYR B 20 10.89 8.19 -32.04
C TYR B 20 9.70 9.04 -32.47
N ILE B 21 8.57 8.88 -31.77
CA ILE B 21 7.34 9.59 -32.05
C ILE B 21 7.55 11.08 -31.77
N PHE B 22 8.24 11.43 -30.68
CA PHE B 22 8.47 12.84 -30.41
C PHE B 22 9.34 13.44 -31.54
N ALA B 23 10.38 12.70 -31.92
CA ALA B 23 11.31 13.06 -32.98
C ALA B 23 10.60 13.28 -34.31
N TYR B 24 9.87 12.27 -34.78
CA TYR B 24 9.12 12.35 -36.04
C TYR B 24 8.13 13.51 -36.10
N LEU B 25 7.44 13.78 -34.98
CA LEU B 25 6.46 14.85 -34.90
C LEU B 25 7.08 16.21 -34.55
N ASP B 26 8.40 16.23 -34.34
CA ASP B 26 9.15 17.43 -34.00
C ASP B 26 8.60 18.14 -32.75
N ILE B 27 8.42 17.35 -31.69
CA ILE B 27 7.95 17.85 -30.40
C ILE B 27 9.11 17.84 -29.41
N GLN B 28 9.26 18.95 -28.68
CA GLN B 28 10.30 19.06 -27.67
C GLN B 28 9.74 18.47 -26.40
N TYR B 29 10.60 17.80 -25.64
CA TYR B 29 10.20 17.19 -24.39
C TYR B 29 11.48 17.05 -23.58
N GLU B 30 11.37 16.93 -22.27
CA GLU B 30 12.52 16.66 -21.44
C GLU B 30 12.63 15.13 -21.41
N ASP B 31 13.78 14.63 -21.85
CA ASP B 31 14.06 13.20 -21.86
C ASP B 31 14.73 12.85 -20.53
N HIS B 32 13.92 12.67 -19.48
CA HIS B 32 14.46 12.37 -18.15
C HIS B 32 14.85 10.89 -17.98
N ARG B 33 16.13 10.65 -17.66
CA ARG B 33 16.71 9.32 -17.47
C ARG B 33 17.22 9.14 -16.04
N ILE B 34 16.76 8.08 -15.40
CA ILE B 34 17.08 7.83 -13.99
C ILE B 34 18.02 6.66 -13.78
N GLU B 35 18.77 6.70 -12.68
CA GLU B 35 19.66 5.59 -12.29
C GLU B 35 18.82 4.57 -11.51
N GLN B 36 19.28 3.32 -11.50
CA GLN B 36 18.61 2.23 -10.78
C GLN B 36 18.40 2.62 -9.33
N ALA B 37 19.49 3.01 -8.65
CA ALA B 37 19.46 3.39 -7.23
C ALA B 37 18.41 4.43 -6.83
N ASP B 38 17.85 5.16 -7.80
CA ASP B 38 16.81 6.15 -7.52
C ASP B 38 15.41 5.62 -7.86
N TRP B 39 15.35 4.49 -8.55
CA TRP B 39 14.08 3.91 -8.97
C TRP B 39 13.07 3.61 -7.83
N PRO B 40 13.46 2.75 -6.86
CA PRO B 40 12.58 2.44 -5.73
C PRO B 40 11.92 3.65 -5.10
N GLU B 41 12.60 4.80 -5.11
CA GLU B 41 12.05 6.01 -4.52
C GLU B 41 10.95 6.64 -5.36
N ILE B 42 11.17 6.66 -6.68
CA ILE B 42 10.20 7.23 -7.63
C ILE B 42 8.98 6.28 -7.77
N LYS B 43 9.29 4.98 -7.85
CA LYS B 43 8.32 3.89 -7.98
C LYS B 43 7.18 3.97 -6.94
N SER B 44 7.54 4.27 -5.70
CA SER B 44 6.59 4.38 -4.60
C SER B 44 5.58 5.53 -4.69
N THR B 45 5.85 6.54 -5.51
CA THR B 45 4.93 7.67 -5.63
C THR B 45 4.01 7.59 -6.84
N LEU B 46 4.22 6.56 -7.66
CA LEU B 46 3.46 6.35 -8.88
C LEU B 46 2.30 5.40 -8.67
N PRO B 47 1.10 5.81 -9.13
CA PRO B 47 -0.13 5.00 -9.07
C PRO B 47 0.08 3.49 -9.39
N PHE B 48 0.88 3.15 -10.40
CA PHE B 48 1.14 1.73 -10.80
C PHE B 48 2.61 1.22 -10.72
N GLY B 49 3.52 2.06 -10.26
CA GLY B 49 4.90 1.66 -10.01
C GLY B 49 5.68 1.14 -11.18
N LYS B 50 5.38 1.63 -12.36
CA LYS B 50 6.09 1.25 -13.57
C LYS B 50 6.46 2.46 -14.44
N ILE B 51 7.58 2.33 -15.13
CA ILE B 51 8.01 3.32 -16.13
C ILE B 51 8.05 2.64 -17.54
N PRO B 52 8.03 3.44 -18.64
CA PRO B 52 8.03 4.91 -18.67
C PRO B 52 6.72 5.55 -18.23
N ILE B 53 6.83 6.79 -17.78
CA ILE B 53 5.67 7.62 -17.51
C ILE B 53 5.90 8.87 -18.35
N LEU B 54 4.82 9.52 -18.75
CA LEU B 54 4.92 10.78 -19.48
C LEU B 54 4.08 11.83 -18.75
N GLU B 55 4.72 12.90 -18.30
CA GLU B 55 3.97 13.99 -17.69
C GLU B 55 3.64 15.06 -18.73
N VAL B 56 2.36 15.42 -18.78
CA VAL B 56 1.84 16.44 -19.69
C VAL B 56 1.07 17.44 -18.82
N ASP B 57 1.51 18.70 -18.82
CA ASP B 57 0.87 19.77 -18.03
C ASP B 57 0.46 19.34 -16.61
N GLY B 58 1.27 18.49 -15.96
CA GLY B 58 0.93 18.04 -14.60
C GLY B 58 0.06 16.80 -14.49
N LEU B 59 -0.18 16.13 -15.62
CA LEU B 59 -0.98 14.91 -15.64
C LEU B 59 -0.03 13.75 -15.96
N THR B 60 0.00 12.72 -15.13
CA THR B 60 0.86 11.59 -15.40
C THR B 60 0.12 10.60 -16.31
N LEU B 61 0.86 10.05 -17.27
CA LEU B 61 0.36 9.03 -18.17
C LEU B 61 1.28 7.87 -17.96
N HIS B 62 0.79 6.66 -18.12
CA HIS B 62 1.65 5.50 -17.98
C HIS B 62 1.38 4.48 -19.11
N GLN B 63 2.19 3.42 -19.17
CA GLN B 63 2.14 2.38 -20.20
C GLN B 63 2.66 2.90 -21.55
N SER B 64 3.84 2.42 -21.94
CA SER B 64 4.48 2.91 -23.15
C SER B 64 3.60 2.92 -24.41
N LEU B 65 2.84 1.84 -24.63
CA LEU B 65 2.03 1.72 -25.84
C LEU B 65 0.80 2.59 -25.76
N ALA B 66 0.20 2.70 -24.56
CA ALA B 66 -0.91 3.61 -24.34
C ALA B 66 -0.45 5.03 -24.72
N ILE B 67 0.73 5.43 -24.24
CA ILE B 67 1.30 6.75 -24.49
C ILE B 67 1.61 6.93 -25.99
N ALA B 68 2.34 5.97 -26.58
CA ALA B 68 2.63 6.00 -28.01
C ALA B 68 1.36 6.18 -28.83
N ARG B 69 0.31 5.45 -28.48
CA ARG B 69 -0.95 5.55 -29.19
C ARG B 69 -1.59 6.92 -29.03
N TYR B 70 -1.55 7.48 -27.83
CA TYR B 70 -2.07 8.82 -27.56
C TYR B 70 -1.33 9.84 -28.44
N LEU B 71 0.00 9.75 -28.45
CA LEU B 71 0.80 10.70 -29.20
C LEU B 71 0.62 10.68 -30.70
N THR B 72 0.33 9.49 -31.25
CA THR B 72 0.17 9.35 -32.70
C THR B 72 -1.26 9.51 -33.19
N LYS B 73 -2.20 9.67 -32.26
CA LYS B 73 -3.59 9.77 -32.68
C LYS B 73 -3.80 11.04 -33.52
N ASN B 74 -4.52 10.91 -34.63
CA ASN B 74 -4.72 12.04 -35.57
C ASN B 74 -3.41 12.61 -36.18
N THR B 75 -2.40 11.74 -36.31
CA THR B 75 -1.18 12.13 -36.99
C THR B 75 -1.07 11.12 -38.11
N ASP B 76 -0.08 11.32 -38.98
CA ASP B 76 0.14 10.41 -40.10
C ASP B 76 0.82 9.11 -39.70
N LEU B 77 1.22 9.01 -38.42
CA LEU B 77 1.82 7.76 -37.91
C LEU B 77 0.75 6.74 -37.51
N ALA B 78 -0.49 7.19 -37.47
CA ALA B 78 -1.61 6.29 -37.15
C ALA B 78 -2.01 5.64 -38.47
N GLY B 79 -2.69 4.51 -38.44
CA GLY B 79 -3.16 3.92 -39.68
C GLY B 79 -4.03 4.90 -40.46
N ASN B 80 -4.17 4.66 -41.77
CA ASN B 80 -4.99 5.53 -42.62
C ASN B 80 -6.51 5.25 -42.55
N THR B 81 -6.89 4.01 -42.28
CA THR B 81 -8.31 3.67 -42.08
C THR B 81 -8.53 3.11 -40.66
N GLU B 82 -9.79 2.90 -40.31
CA GLU B 82 -10.18 2.33 -39.04
C GLU B 82 -9.51 0.96 -38.88
N MET B 83 -9.64 0.18 -39.95
CA MET B 83 -9.12 -1.16 -40.00
C MET B 83 -7.61 -1.19 -40.01
N GLU B 84 -6.99 -0.25 -40.72
CA GLU B 84 -5.54 -0.13 -40.72
C GLU B 84 -5.01 0.22 -39.32
N GLN B 85 -5.76 1.02 -38.56
CA GLN B 85 -5.35 1.36 -37.20
C GLN B 85 -5.39 0.11 -36.33
N CYS B 86 -6.31 -0.80 -36.65
CA CYS B 86 -6.43 -2.06 -35.94
C CYS B 86 -5.20 -2.91 -36.22
N HIS B 87 -4.76 -2.94 -37.48
CA HIS B 87 -3.55 -3.67 -37.84
C HIS B 87 -2.29 -3.08 -37.21
N VAL B 88 -2.22 -1.75 -37.09
CA VAL B 88 -1.09 -1.09 -36.45
C VAL B 88 -1.09 -1.62 -35.02
N ASP B 89 -2.23 -1.51 -34.33
CA ASP B 89 -2.33 -2.00 -32.94
C ASP B 89 -1.93 -3.45 -32.79
N ALA B 90 -2.42 -4.30 -33.70
CA ALA B 90 -2.16 -5.73 -33.71
C ALA B 90 -0.68 -6.08 -33.94
N ILE B 91 -0.03 -5.44 -34.92
CA ILE B 91 1.41 -5.69 -35.12
C ILE B 91 2.23 -5.29 -33.88
N VAL B 92 1.97 -4.10 -33.34
CA VAL B 92 2.60 -3.63 -32.12
C VAL B 92 2.44 -4.63 -30.97
N ASP B 93 1.22 -5.13 -30.75
CA ASP B 93 0.96 -6.11 -29.69
C ASP B 93 1.66 -7.46 -29.91
N THR B 94 1.79 -7.88 -31.17
CA THR B 94 2.48 -9.14 -31.48
C THR B 94 3.94 -8.97 -31.09
N LEU B 95 4.53 -7.85 -31.51
CA LEU B 95 5.92 -7.58 -31.15
C LEU B 95 6.07 -7.44 -29.63
N ASP B 96 5.12 -6.78 -28.98
CA ASP B 96 5.17 -6.59 -27.52
C ASP B 96 5.05 -7.89 -26.75
N ASP B 97 4.14 -8.77 -27.21
CA ASP B 97 3.94 -10.11 -26.61
C ASP B 97 5.26 -10.89 -26.60
N PHE B 98 6.08 -10.74 -27.65
CA PHE B 98 7.37 -11.47 -27.68
C PHE B 98 8.40 -10.78 -26.79
N MET B 99 8.51 -9.46 -26.89
CA MET B 99 9.50 -8.74 -26.08
C MET B 99 9.28 -8.94 -24.57
N SER B 100 8.01 -9.04 -24.16
CA SER B 100 7.63 -9.25 -22.75
C SER B 100 8.05 -10.59 -22.15
N CYS B 101 8.32 -11.57 -23.01
CA CYS B 101 8.77 -12.89 -22.57
C CYS B 101 10.16 -12.86 -21.95
N PHE B 102 10.97 -11.87 -22.32
CA PHE B 102 12.34 -11.76 -21.81
C PHE B 102 12.40 -11.36 -20.35
N PRO B 103 13.16 -12.13 -19.54
CA PRO B 103 13.30 -11.82 -18.12
C PRO B 103 14.38 -10.74 -17.92
N TRP B 104 14.07 -9.52 -18.37
CA TRP B 104 14.97 -8.36 -18.33
C TRP B 104 15.62 -8.11 -16.97
N ALA B 105 14.81 -8.27 -15.93
CA ALA B 105 15.18 -7.99 -14.55
C ALA B 105 15.76 -9.17 -13.78
N GLU B 106 15.62 -10.38 -14.35
CA GLU B 106 16.13 -11.60 -13.69
C GLU B 106 17.48 -11.38 -12.99
N LYS B 107 17.51 -11.79 -11.74
CA LYS B 107 18.66 -11.68 -10.83
C LYS B 107 19.74 -12.71 -11.16
N LYS B 108 19.33 -13.98 -11.23
CA LYS B 108 20.21 -15.09 -11.56
C LYS B 108 20.71 -15.01 -13.00
N GLN B 109 22.01 -14.75 -13.15
CA GLN B 109 22.62 -14.57 -14.45
C GLN B 109 22.52 -15.79 -15.35
N ASP B 110 22.90 -16.95 -14.79
CA ASP B 110 22.90 -18.22 -15.50
C ASP B 110 21.51 -18.61 -16.03
N VAL B 111 20.49 -18.33 -15.22
CA VAL B 111 19.09 -18.59 -15.58
C VAL B 111 18.61 -17.62 -16.65
N LYS B 112 19.03 -16.35 -16.50
CA LYS B 112 18.68 -15.26 -17.42
C LYS B 112 19.23 -15.55 -18.80
N GLU B 113 20.53 -15.87 -18.87
CA GLU B 113 21.19 -16.21 -20.14
C GLU B 113 20.50 -17.34 -20.85
N GLN B 114 20.17 -18.39 -20.08
CA GLN B 114 19.47 -19.56 -20.58
C GLN B 114 18.13 -19.16 -21.23
N MET B 115 17.31 -18.42 -20.48
CA MET B 115 16.01 -17.90 -20.97
C MET B 115 16.14 -17.12 -22.27
N PHE B 116 17.03 -16.13 -22.27
CA PHE B 116 17.31 -15.33 -23.45
C PHE B 116 17.70 -16.22 -24.62
N ASN B 117 18.61 -17.16 -24.40
CA ASN B 117 19.10 -18.03 -25.48
C ASN B 117 17.97 -18.83 -26.15
N GLU B 118 17.07 -19.36 -25.32
CA GLU B 118 15.97 -20.19 -25.78
C GLU B 118 14.96 -19.39 -26.57
N LEU B 119 14.56 -18.24 -26.02
CA LEU B 119 13.61 -17.37 -26.70
C LEU B 119 14.15 -16.94 -28.07
N LEU B 120 15.42 -16.50 -28.10
CA LEU B 120 16.09 -16.07 -29.34
C LEU B 120 16.35 -17.22 -30.34
N THR B 121 16.74 -18.37 -29.81
CA THR B 121 17.05 -19.51 -30.66
C THR B 121 15.80 -20.26 -31.08
N TYR B 122 14.85 -20.44 -30.16
CA TYR B 122 13.68 -21.26 -30.46
C TYR B 122 12.42 -20.53 -30.88
N ASN B 123 12.23 -19.30 -30.39
CA ASN B 123 11.00 -18.54 -30.69
C ASN B 123 11.12 -17.41 -31.69
N ALA B 124 12.13 -16.56 -31.53
CA ALA B 124 12.31 -15.43 -32.41
C ALA B 124 12.25 -15.78 -33.90
N PRO B 125 12.90 -16.90 -34.33
CA PRO B 125 12.88 -17.21 -35.77
C PRO B 125 11.47 -17.32 -36.36
N HIS B 126 10.53 -17.81 -35.57
CA HIS B 126 9.16 -17.97 -36.03
C HIS B 126 8.42 -16.64 -36.16
N LEU B 127 8.71 -15.71 -35.25
CA LEU B 127 8.11 -14.36 -35.32
C LEU B 127 8.61 -13.70 -36.59
N MET B 128 9.90 -13.85 -36.85
CA MET B 128 10.47 -13.24 -38.04
C MET B 128 9.77 -13.81 -39.26
N GLN B 129 9.53 -15.12 -39.25
CA GLN B 129 8.90 -15.78 -40.39
C GLN B 129 7.48 -15.26 -40.56
N ASP B 130 6.75 -15.11 -39.46
CA ASP B 130 5.39 -14.57 -39.50
C ASP B 130 5.33 -13.12 -40.01
N LEU B 131 6.31 -12.32 -39.59
CA LEU B 131 6.45 -10.92 -39.97
C LEU B 131 6.82 -10.77 -41.45
N ASP B 132 7.76 -11.60 -41.89
CA ASP B 132 8.22 -11.55 -43.28
C ASP B 132 7.03 -11.85 -44.23
N THR B 133 6.32 -12.95 -43.98
CA THR B 133 5.15 -13.31 -44.78
C THR B 133 4.11 -12.20 -44.72
N TYR B 134 3.85 -11.68 -43.53
CA TYR B 134 2.90 -10.59 -43.35
C TYR B 134 3.26 -9.38 -44.19
N LEU B 135 4.52 -8.93 -44.11
CA LEU B 135 4.96 -7.80 -44.92
C LEU B 135 4.82 -8.13 -46.41
N GLY B 136 5.31 -9.31 -46.79
CA GLY B 136 5.28 -9.76 -48.17
C GLY B 136 6.16 -8.83 -48.98
N GLY B 137 5.61 -8.32 -50.09
CA GLY B 137 6.37 -7.39 -50.96
C GLY B 137 5.96 -5.94 -50.80
N ARG B 138 5.20 -5.62 -49.75
CA ARG B 138 4.79 -4.25 -49.48
C ARG B 138 5.94 -3.38 -48.94
N GLU B 139 5.71 -2.07 -48.91
CA GLU B 139 6.73 -1.13 -48.48
C GLU B 139 6.78 -1.02 -46.96
N TRP B 140 5.61 -1.01 -46.34
CA TRP B 140 5.50 -0.86 -44.91
C TRP B 140 4.58 -1.91 -44.34
N LEU B 141 4.71 -2.17 -43.03
CA LEU B 141 3.88 -3.18 -42.39
C LEU B 141 2.39 -2.92 -42.56
N ILE B 142 1.97 -1.67 -42.46
CA ILE B 142 0.56 -1.39 -42.66
C ILE B 142 0.35 -0.35 -43.73
N GLY B 143 -0.45 -0.70 -44.73
CA GLY B 143 -0.82 0.27 -45.76
C GLY B 143 0.31 0.80 -46.61
N ASN B 144 0.13 2.01 -47.08
CA ASN B 144 1.07 2.61 -48.02
C ASN B 144 2.01 3.64 -47.48
N SER B 145 1.91 3.91 -46.18
CA SER B 145 2.84 4.85 -45.54
C SER B 145 3.32 4.36 -44.14
N VAL B 146 4.36 5.01 -43.63
CA VAL B 146 4.95 4.63 -42.37
C VAL B 146 3.97 4.82 -41.23
N THR B 147 3.92 3.86 -40.31
CA THR B 147 3.10 3.98 -39.10
C THR B 147 4.04 3.72 -37.95
N TRP B 148 3.58 3.96 -36.72
CA TRP B 148 4.41 3.69 -35.55
C TRP B 148 4.63 2.18 -35.32
N ALA B 149 3.91 1.33 -36.06
CA ALA B 149 4.18 -0.12 -36.07
C ALA B 149 5.54 -0.36 -36.73
N ASP B 150 5.87 0.43 -37.76
CA ASP B 150 7.20 0.36 -38.43
C ASP B 150 8.28 0.82 -37.46
N PHE B 151 8.02 1.89 -36.70
CA PHE B 151 8.96 2.33 -35.68
C PHE B 151 9.20 1.21 -34.66
N TYR B 152 8.13 0.57 -34.19
CA TYR B 152 8.26 -0.45 -33.14
C TYR B 152 9.03 -1.70 -33.62
N TRP B 153 8.75 -2.13 -34.84
CA TRP B 153 9.48 -3.20 -35.46
C TRP B 153 10.99 -2.89 -35.47
N GLU B 154 11.33 -1.69 -35.93
CA GLU B 154 12.73 -1.30 -35.98
C GLU B 154 13.37 -1.26 -34.58
N ILE B 155 12.61 -0.77 -33.60
CA ILE B 155 13.09 -0.68 -32.23
C ILE B 155 13.27 -2.06 -31.60
N CYS B 156 12.27 -2.92 -31.76
CA CYS B 156 12.36 -4.27 -31.21
C CYS B 156 13.49 -5.07 -31.89
N SER B 157 13.51 -5.03 -33.22
CA SER B 157 14.54 -5.75 -33.99
C SER B 157 15.96 -5.30 -33.62
N THR B 158 16.15 -4.00 -33.38
CA THR B 158 17.46 -3.48 -32.99
C THR B 158 17.97 -4.20 -31.73
N THR B 159 17.13 -4.26 -30.68
CA THR B 159 17.47 -4.93 -29.44
C THR B 159 17.70 -6.44 -29.61
N LEU B 160 16.83 -7.10 -30.37
CA LEU B 160 16.99 -8.53 -30.63
C LEU B 160 18.30 -8.80 -31.36
N LEU B 161 18.67 -7.93 -32.30
CA LEU B 161 19.92 -8.09 -33.05
C LEU B 161 21.16 -7.91 -32.16
N VAL B 162 21.00 -7.26 -31.00
CA VAL B 162 22.11 -7.12 -30.06
C VAL B 162 22.48 -8.51 -29.57
N PHE B 163 21.47 -9.33 -29.31
CA PHE B 163 21.72 -10.66 -28.75
C PHE B 163 21.89 -11.77 -29.77
N LYS B 164 21.29 -11.60 -30.94
CA LYS B 164 21.32 -12.60 -31.99
C LYS B 164 21.50 -11.88 -33.34
N PRO B 165 22.76 -11.49 -33.66
CA PRO B 165 23.08 -10.74 -34.87
C PRO B 165 22.68 -11.40 -36.18
N ASP B 166 22.59 -12.72 -36.21
CA ASP B 166 22.24 -13.43 -37.45
C ASP B 166 20.72 -13.60 -37.65
N LEU B 167 19.93 -12.97 -36.78
CA LEU B 167 18.46 -13.16 -36.77
C LEU B 167 17.71 -12.87 -38.07
N LEU B 168 18.21 -11.90 -38.83
CA LEU B 168 17.57 -11.53 -40.09
C LEU B 168 18.37 -11.91 -41.36
N ASP B 169 19.37 -12.78 -41.21
CA ASP B 169 20.15 -13.19 -42.38
C ASP B 169 19.30 -13.78 -43.51
N ASN B 170 18.21 -14.43 -43.15
CA ASN B 170 17.34 -15.03 -44.16
C ASN B 170 16.12 -14.15 -44.47
N HIS B 171 16.13 -12.92 -43.99
CA HIS B 171 14.99 -12.01 -44.16
C HIS B 171 15.34 -10.62 -44.72
N PRO B 172 15.86 -10.56 -45.97
CA PRO B 172 16.25 -9.27 -46.55
C PRO B 172 15.17 -8.21 -46.57
N ARG B 173 13.93 -8.60 -46.79
CA ARG B 173 12.83 -7.63 -46.80
C ARG B 173 12.60 -6.97 -45.43
N LEU B 174 12.92 -7.67 -44.35
CA LEU B 174 12.77 -7.11 -42.99
C LEU B 174 13.96 -6.20 -42.67
N VAL B 175 15.11 -6.53 -43.25
CA VAL B 175 16.32 -5.72 -43.12
C VAL B 175 16.03 -4.43 -43.86
N THR B 176 15.45 -4.54 -45.06
CA THR B 176 15.10 -3.35 -45.87
C THR B 176 14.15 -2.40 -45.14
N LEU B 177 13.18 -2.97 -44.43
CA LEU B 177 12.21 -2.15 -43.70
C LEU B 177 12.92 -1.37 -42.56
N ARG B 178 13.80 -2.07 -41.84
CA ARG B 178 14.60 -1.44 -40.80
C ARG B 178 15.35 -0.26 -41.42
N LYS B 179 16.10 -0.53 -42.49
CA LYS B 179 16.86 0.53 -43.19
C LYS B 179 15.96 1.68 -43.60
N LYS B 180 14.75 1.35 -44.04
CA LYS B 180 13.79 2.35 -44.51
C LYS B 180 13.33 3.23 -43.32
N VAL B 181 13.08 2.61 -42.17
CA VAL B 181 12.70 3.38 -40.99
C VAL B 181 13.85 4.29 -40.55
N GLN B 182 15.04 3.73 -40.53
CA GLN B 182 16.25 4.44 -40.11
C GLN B 182 16.62 5.58 -41.05
N ALA B 183 16.09 5.55 -42.28
CA ALA B 183 16.37 6.58 -43.29
C ALA B 183 15.48 7.81 -43.16
N ILE B 184 14.35 7.65 -42.46
CA ILE B 184 13.44 8.77 -42.26
C ILE B 184 14.24 9.86 -41.54
N PRO B 185 14.35 11.07 -42.16
CA PRO B 185 15.15 12.17 -41.59
C PRO B 185 15.02 12.42 -40.07
N ALA B 186 13.81 12.58 -39.56
CA ALA B 186 13.61 12.78 -38.12
C ALA B 186 14.09 11.57 -37.31
N VAL B 187 13.96 10.37 -37.86
CA VAL B 187 14.41 9.15 -37.17
C VAL B 187 15.94 9.05 -37.24
N ALA B 188 16.51 9.19 -38.44
CA ALA B 188 17.97 9.17 -38.62
C ALA B 188 18.68 10.16 -37.68
N ASN B 189 18.15 11.38 -37.57
CA ASN B 189 18.71 12.41 -36.67
C ASN B 189 18.68 12.01 -35.20
N TRP B 190 17.57 11.41 -34.76
CA TRP B 190 17.46 10.93 -33.39
C TRP B 190 18.45 9.78 -33.13
N ILE B 191 18.57 8.86 -34.08
CA ILE B 191 19.46 7.69 -33.96
C ILE B 191 20.93 8.09 -33.82
N LYS B 192 21.29 9.14 -34.56
CA LYS B 192 22.62 9.72 -34.59
C LYS B 192 22.92 10.43 -33.27
N ARG B 193 21.95 11.19 -32.75
CA ARG B 193 22.19 12.02 -31.57
C ARG B 193 21.89 11.39 -30.19
N ARG B 194 21.05 10.35 -30.17
CA ARG B 194 20.58 9.66 -28.93
C ARG B 194 21.75 9.09 -28.10
N PRO B 195 21.59 9.00 -26.76
CA PRO B 195 22.63 8.34 -25.96
C PRO B 195 22.80 6.88 -26.43
N GLN B 196 24.03 6.45 -26.59
CA GLN B 196 24.28 5.10 -27.09
C GLN B 196 24.40 4.14 -25.91
N THR B 197 23.37 3.35 -25.74
CA THR B 197 23.32 2.35 -24.68
C THR B 197 23.19 0.96 -25.32
N LYS B 198 23.48 -0.09 -24.55
CA LYS B 198 23.31 -1.44 -25.08
C LYS B 198 21.82 -1.71 -25.38
N LEU B 199 20.97 -1.40 -24.40
CA LEU B 199 19.53 -1.69 -24.49
C LEU B 199 18.65 -0.47 -24.57
N PRO C 2 9.16 -20.49 25.69
CA PRO C 2 8.08 -20.49 26.68
C PRO C 2 6.76 -20.88 26.03
N ASN C 3 5.75 -21.18 26.85
CA ASN C 3 4.45 -21.51 26.31
C ASN C 3 3.62 -20.22 26.31
N TYR C 4 3.21 -19.80 25.13
CA TYR C 4 2.49 -18.56 24.95
C TYR C 4 0.99 -18.74 24.71
N LYS C 5 0.19 -18.02 25.49
CA LYS C 5 -1.25 -18.04 25.28
C LYS C 5 -1.81 -16.63 25.27
N LEU C 6 -2.28 -16.22 24.08
CA LEU C 6 -2.82 -14.89 23.85
C LEU C 6 -4.34 -14.93 23.92
N THR C 7 -4.93 -14.06 24.73
CA THR C 7 -6.38 -14.00 24.86
C THR C 7 -6.92 -12.64 24.40
N TYR C 8 -7.92 -12.68 23.50
CA TYR C 8 -8.56 -11.50 22.96
C TYR C 8 -9.87 -11.94 22.32
N PHE C 9 -10.62 -11.00 21.75
CA PHE C 9 -11.83 -11.35 21.00
C PHE C 9 -11.45 -11.93 19.64
N ASN C 10 -12.47 -12.30 18.87
CA ASN C 10 -12.25 -12.75 17.50
C ASN C 10 -12.24 -11.48 16.65
N MET C 11 -11.10 -10.79 16.71
CA MET C 11 -10.82 -9.58 15.95
C MET C 11 -9.31 -9.29 15.93
N ARG C 12 -8.87 -8.44 15.02
CA ARG C 12 -7.47 -8.09 14.97
C ARG C 12 -7.25 -7.18 16.19
N GLY C 13 -7.90 -6.02 16.19
CA GLY C 13 -7.82 -5.08 17.29
C GLY C 13 -6.45 -4.94 17.93
N ARG C 14 -6.45 -4.84 19.25
CA ARG C 14 -5.22 -4.61 20.02
C ARG C 14 -4.30 -5.83 20.15
N ALA C 15 -4.79 -7.00 19.75
CA ALA C 15 -3.96 -8.20 19.80
C ALA C 15 -3.16 -8.40 18.54
N GLU C 16 -3.62 -7.83 17.42
CA GLU C 16 -2.97 -8.09 16.13
C GLU C 16 -1.45 -7.81 16.07
N ILE C 17 -0.97 -6.75 16.73
CA ILE C 17 0.47 -6.43 16.70
C ILE C 17 1.29 -7.58 17.31
N ILE C 18 0.77 -8.18 18.37
CA ILE C 18 1.44 -9.34 19.01
C ILE C 18 1.39 -10.55 18.06
N ARG C 19 0.28 -10.69 17.33
CA ARG C 19 0.12 -11.81 16.38
C ARG C 19 1.10 -11.69 15.23
N TYR C 20 1.34 -10.46 14.78
CA TYR C 20 2.32 -10.20 13.70
C TYR C 20 3.72 -10.52 14.19
N ILE C 21 4.04 -10.08 15.40
CA ILE C 21 5.34 -10.33 16.01
C ILE C 21 5.60 -11.84 16.15
N PHE C 22 4.65 -12.59 16.73
CA PHE C 22 4.82 -14.04 16.84
C PHE C 22 5.03 -14.67 15.44
N ALA C 23 4.19 -14.31 14.48
CA ALA C 23 4.31 -14.85 13.10
C ALA C 23 5.68 -14.55 12.50
N TYR C 24 6.11 -13.29 12.57
CA TYR C 24 7.40 -12.89 12.01
C TYR C 24 8.61 -13.57 12.65
N LEU C 25 8.54 -13.78 13.96
CA LEU C 25 9.60 -14.42 14.70
C LEU C 25 9.44 -15.94 14.73
N ASP C 26 8.40 -16.42 14.05
CA ASP C 26 8.08 -17.84 13.95
C ASP C 26 7.98 -18.44 15.34
N ILE C 27 7.06 -17.90 16.13
CA ILE C 27 6.84 -18.40 17.48
C ILE C 27 5.46 -19.00 17.56
N GLN C 28 5.37 -20.28 17.91
CA GLN C 28 4.08 -20.94 18.06
C GLN C 28 3.48 -20.43 19.36
N TYR C 29 2.16 -20.26 19.37
CA TYR C 29 1.45 -19.74 20.53
C TYR C 29 -0.01 -20.14 20.46
N GLU C 30 -0.71 -20.10 21.59
CA GLU C 30 -2.14 -20.37 21.55
C GLU C 30 -2.91 -19.07 21.27
N ASP C 31 -3.58 -19.00 20.10
CA ASP C 31 -4.36 -17.83 19.71
C ASP C 31 -5.79 -17.98 20.23
N HIS C 32 -5.96 -17.71 21.53
CA HIS C 32 -7.28 -17.86 22.15
C HIS C 32 -8.22 -16.68 21.96
N ARG C 33 -9.32 -16.95 21.26
CA ARG C 33 -10.30 -15.94 20.95
C ARG C 33 -11.57 -16.25 21.71
N ILE C 34 -11.98 -15.33 22.56
CA ILE C 34 -13.20 -15.50 23.36
C ILE C 34 -14.42 -14.90 22.66
N GLU C 35 -15.59 -15.40 23.04
CA GLU C 35 -16.85 -14.89 22.51
C GLU C 35 -17.12 -13.55 23.16
N GLN C 36 -17.59 -12.60 22.36
CA GLN C 36 -17.95 -11.30 22.86
C GLN C 36 -18.98 -11.44 23.98
N ALA C 37 -19.79 -12.49 23.89
CA ALA C 37 -20.83 -12.75 24.89
C ALA C 37 -20.25 -13.11 26.27
N ASP C 38 -19.04 -13.66 26.28
CA ASP C 38 -18.40 -14.09 27.51
C ASP C 38 -17.52 -13.03 28.15
N TRP C 39 -17.54 -11.83 27.57
CA TRP C 39 -16.72 -10.74 28.10
C TRP C 39 -17.06 -10.29 29.54
N PRO C 40 -18.35 -10.00 29.84
CA PRO C 40 -18.66 -9.54 31.22
C PRO C 40 -18.17 -10.52 32.30
N GLU C 41 -18.26 -11.81 32.01
CA GLU C 41 -17.80 -12.87 32.90
C GLU C 41 -16.26 -12.92 33.03
N ILE C 42 -15.54 -12.84 31.91
CA ILE C 42 -14.07 -12.94 31.88
C ILE C 42 -13.35 -11.72 32.44
N LYS C 43 -13.91 -10.55 32.20
CA LYS C 43 -13.33 -9.26 32.59
C LYS C 43 -12.78 -9.20 34.01
N SER C 44 -13.56 -9.70 34.96
CA SER C 44 -13.23 -9.66 36.37
C SER C 44 -11.99 -10.45 36.74
N THR C 45 -11.60 -11.37 35.87
CA THR C 45 -10.43 -12.22 36.10
C THR C 45 -9.13 -11.63 35.51
N LEU C 46 -9.22 -10.47 34.87
CA LEU C 46 -8.08 -9.85 34.21
C LEU C 46 -7.50 -8.71 35.06
N PRO C 47 -6.16 -8.51 35.00
CA PRO C 47 -5.46 -7.56 35.87
C PRO C 47 -6.23 -6.26 36.16
N PHE C 48 -6.48 -5.52 35.09
CA PHE C 48 -7.18 -4.26 35.17
C PHE C 48 -8.36 -4.35 34.22
N GLY C 49 -9.01 -5.51 34.24
CA GLY C 49 -10.16 -5.83 33.43
C GLY C 49 -10.02 -5.59 31.93
N LYS C 50 -8.80 -5.73 31.40
CA LYS C 50 -8.59 -5.48 29.96
C LYS C 50 -7.87 -6.59 29.19
N ILE C 51 -8.21 -6.69 27.91
CA ILE C 51 -7.56 -7.60 26.98
C ILE C 51 -6.93 -6.77 25.84
N PRO C 52 -5.94 -7.32 25.15
CA PRO C 52 -5.43 -8.69 25.27
C PRO C 52 -4.57 -8.92 26.51
N ILE C 53 -4.44 -10.20 26.88
CA ILE C 53 -3.48 -10.62 27.90
C ILE C 53 -2.59 -11.68 27.25
N LEU C 54 -1.37 -11.83 27.74
CA LEU C 54 -0.49 -12.86 27.24
C LEU C 54 0.05 -13.64 28.43
N GLU C 55 -0.22 -14.94 28.44
CA GLU C 55 0.24 -15.84 29.48
C GLU C 55 1.55 -16.42 28.98
N VAL C 56 2.58 -16.28 29.81
CA VAL C 56 3.92 -16.74 29.48
C VAL C 56 4.40 -17.55 30.68
N ASP C 57 4.49 -18.87 30.53
CA ASP C 57 4.91 -19.76 31.62
C ASP C 57 4.10 -19.50 32.88
N GLY C 58 2.80 -19.27 32.70
CA GLY C 58 1.95 -18.98 33.83
C GLY C 58 1.96 -17.54 34.31
N LEU C 59 2.79 -16.68 33.72
CA LEU C 59 2.75 -15.25 34.04
C LEU C 59 1.73 -14.57 33.15
N THR C 60 0.94 -13.67 33.72
CA THR C 60 -0.06 -12.94 32.95
C THR C 60 0.45 -11.52 32.67
N LEU C 61 0.64 -11.22 31.39
CA LEU C 61 1.07 -9.89 30.96
C LEU C 61 -0.09 -9.18 30.31
N HIS C 62 -0.15 -7.87 30.50
CA HIS C 62 -1.21 -7.07 29.91
C HIS C 62 -0.62 -5.84 29.22
N GLN C 63 -1.48 -5.09 28.51
CA GLN C 63 -1.10 -3.90 27.72
C GLN C 63 -0.35 -4.32 26.47
N SER C 64 -1.04 -4.23 25.33
CA SER C 64 -0.49 -4.77 24.08
C SER C 64 0.81 -4.15 23.61
N LEU C 65 1.02 -2.87 23.89
CA LEU C 65 2.25 -2.22 23.44
C LEU C 65 3.42 -2.57 24.36
N ALA C 66 3.14 -2.79 25.64
CA ALA C 66 4.17 -3.19 26.61
C ALA C 66 4.65 -4.58 26.20
N ILE C 67 3.68 -5.46 25.95
CA ILE C 67 3.91 -6.82 25.48
C ILE C 67 4.69 -6.77 24.15
N ALA C 68 4.22 -5.98 23.18
CA ALA C 68 4.89 -5.91 21.88
C ALA C 68 6.37 -5.52 21.99
N ARG C 69 6.65 -4.54 22.87
CA ARG C 69 8.01 -4.06 23.07
C ARG C 69 8.87 -5.14 23.71
N TYR C 70 8.29 -5.83 24.68
CA TYR C 70 8.97 -6.91 25.36
C TYR C 70 9.35 -8.04 24.40
N LEU C 71 8.40 -8.44 23.55
CA LEU C 71 8.64 -9.53 22.61
C LEU C 71 9.67 -9.21 21.53
N THR C 72 9.77 -7.93 21.16
CA THR C 72 10.69 -7.49 20.11
C THR C 72 12.10 -7.10 20.56
N LYS C 73 12.32 -6.98 21.87
CA LYS C 73 13.67 -6.73 22.41
C LYS C 73 14.65 -7.77 21.92
N ASN C 74 15.78 -7.30 21.39
CA ASN C 74 16.84 -8.17 20.91
C ASN C 74 16.49 -8.98 19.66
N THR C 75 15.54 -8.44 18.89
CA THR C 75 15.17 -9.06 17.62
C THR C 75 15.42 -7.99 16.56
N ASP C 76 15.38 -8.38 15.29
CA ASP C 76 15.55 -7.34 14.28
C ASP C 76 14.30 -6.44 14.10
N LEU C 77 13.24 -6.68 14.88
CA LEU C 77 12.05 -5.81 14.88
C LEU C 77 12.20 -4.58 15.77
N ALA C 78 13.19 -4.61 16.66
CA ALA C 78 13.48 -3.47 17.51
C ALA C 78 14.27 -2.42 16.71
N GLY C 79 14.29 -1.19 17.19
CA GLY C 79 15.14 -0.17 16.57
C GLY C 79 16.59 -0.66 16.64
N ASN C 80 17.41 -0.27 15.68
CA ASN C 80 18.80 -0.71 15.64
C ASN C 80 19.72 0.00 16.64
N THR C 81 19.22 1.09 17.23
CA THR C 81 19.95 1.88 18.23
C THR C 81 18.96 2.35 19.29
N GLU C 82 19.48 2.98 20.33
CA GLU C 82 18.66 3.54 21.41
C GLU C 82 17.73 4.64 20.90
N MET C 83 18.24 5.51 20.04
CA MET C 83 17.41 6.58 19.54
C MET C 83 16.43 6.04 18.51
N GLU C 84 16.81 4.98 17.79
CA GLU C 84 15.89 4.35 16.85
C GLU C 84 14.70 3.78 17.62
N GLN C 85 14.97 3.13 18.74
CA GLN C 85 13.91 2.58 19.59
C GLN C 85 12.96 3.70 20.10
N CYS C 86 13.52 4.88 20.38
CA CYS C 86 12.69 6.02 20.78
C CYS C 86 11.79 6.42 19.62
N HIS C 87 12.36 6.45 18.41
CA HIS C 87 11.60 6.76 17.19
C HIS C 87 10.55 5.69 16.91
N VAL C 88 10.92 4.43 17.10
CA VAL C 88 9.97 3.32 16.96
C VAL C 88 8.79 3.57 17.92
N ASP C 89 9.08 3.70 19.21
CA ASP C 89 8.05 3.97 20.24
C ASP C 89 7.18 5.18 19.96
N ALA C 90 7.80 6.25 19.48
CA ALA C 90 7.13 7.51 19.16
C ALA C 90 6.07 7.36 18.07
N ILE C 91 6.41 6.72 16.95
CA ILE C 91 5.50 6.50 15.83
C ILE C 91 4.38 5.58 16.28
N VAL C 92 4.74 4.53 17.01
CA VAL C 92 3.76 3.59 17.56
C VAL C 92 2.76 4.38 18.44
N ASP C 93 3.26 5.25 19.33
CA ASP C 93 2.39 6.05 20.19
C ASP C 93 1.53 7.01 19.39
N THR C 94 2.10 7.65 18.38
CA THR C 94 1.36 8.56 17.52
C THR C 94 0.15 7.84 16.91
N LEU C 95 0.39 6.61 16.44
CA LEU C 95 -0.67 5.80 15.85
C LEU C 95 -1.70 5.37 16.89
N ASP C 96 -1.22 4.91 18.04
CA ASP C 96 -2.11 4.42 19.11
C ASP C 96 -2.96 5.53 19.68
N ASP C 97 -2.37 6.70 19.92
CA ASP C 97 -3.08 7.88 20.42
C ASP C 97 -4.32 8.13 19.57
N PHE C 98 -4.14 8.07 18.25
CA PHE C 98 -5.26 8.32 17.34
C PHE C 98 -6.33 7.24 17.45
N MET C 99 -5.90 5.97 17.46
CA MET C 99 -6.80 4.80 17.52
C MET C 99 -7.60 4.78 18.82
N SER C 100 -7.01 5.35 19.88
CA SER C 100 -7.61 5.42 21.21
C SER C 100 -8.72 6.46 21.34
N CYS C 101 -8.72 7.45 20.45
CA CYS C 101 -9.76 8.49 20.40
C CYS C 101 -11.13 7.94 20.07
N PHE C 102 -11.17 6.93 19.21
CA PHE C 102 -12.40 6.29 18.79
C PHE C 102 -13.19 5.69 19.95
N PRO C 103 -14.46 6.11 20.10
CA PRO C 103 -15.33 5.63 21.20
C PRO C 103 -15.80 4.16 21.02
N TRP C 104 -14.83 3.24 21.03
CA TRP C 104 -15.05 1.80 20.85
C TRP C 104 -16.07 1.21 21.85
N ALA C 105 -16.12 1.78 23.05
CA ALA C 105 -17.01 1.29 24.11
C ALA C 105 -18.31 2.08 24.29
N GLU C 106 -18.60 3.00 23.35
CA GLU C 106 -19.82 3.83 23.40
C GLU C 106 -21.10 3.01 23.24
N LYS C 107 -22.08 3.31 24.09
CA LYS C 107 -23.36 2.61 24.10
C LYS C 107 -24.37 3.34 23.19
N LYS C 108 -24.49 4.66 23.35
CA LYS C 108 -25.40 5.48 22.54
C LYS C 108 -24.95 5.50 21.07
N GLN C 109 -25.70 4.80 20.22
CA GLN C 109 -25.36 4.67 18.79
C GLN C 109 -25.06 5.96 18.03
N ASP C 110 -25.94 6.95 18.14
CA ASP C 110 -25.78 8.22 17.44
C ASP C 110 -24.61 9.10 17.93
N VAL C 111 -24.14 8.84 19.14
CA VAL C 111 -22.99 9.55 19.70
C VAL C 111 -21.72 8.84 19.23
N LYS C 112 -21.84 7.52 19.06
CA LYS C 112 -20.81 6.65 18.52
C LYS C 112 -20.63 6.99 17.04
N GLU C 113 -21.74 6.94 16.30
CA GLU C 113 -21.77 7.21 14.85
C GLU C 113 -21.15 8.53 14.48
N GLN C 114 -21.52 9.58 15.20
CA GLN C 114 -21.04 10.90 14.88
C GLN C 114 -19.57 11.12 15.25
N MET C 115 -19.15 10.67 16.43
CA MET C 115 -17.74 10.86 16.85
C MET C 115 -16.75 10.17 15.89
N PHE C 116 -17.12 8.99 15.39
CA PHE C 116 -16.33 8.28 14.39
C PHE C 116 -16.11 9.18 13.18
N ASN C 117 -17.20 9.78 12.68
CA ASN C 117 -17.10 10.71 11.55
C ASN C 117 -16.18 11.88 11.81
N GLU C 118 -16.29 12.49 13.00
CA GLU C 118 -15.41 13.60 13.34
C GLU C 118 -13.95 13.22 13.17
N LEU C 119 -13.53 12.16 13.85
CA LEU C 119 -12.14 11.70 13.83
C LEU C 119 -11.64 11.35 12.43
N LEU C 120 -12.46 10.63 11.69
CA LEU C 120 -12.11 10.20 10.34
C LEU C 120 -12.06 11.31 9.30
N THR C 121 -12.98 12.24 9.38
CA THR C 121 -13.06 13.27 8.35
C THR C 121 -12.26 14.52 8.72
N TYR C 122 -11.85 14.61 9.98
CA TYR C 122 -11.13 15.77 10.44
C TYR C 122 -9.68 15.45 10.81
N ASN C 123 -9.49 14.49 11.72
CA ASN C 123 -8.16 14.17 12.21
C ASN C 123 -7.34 13.24 11.31
N ALA C 124 -7.99 12.21 10.77
CA ALA C 124 -7.27 11.20 9.97
C ALA C 124 -6.46 11.73 8.79
N PRO C 125 -7.05 12.64 7.97
CA PRO C 125 -6.28 13.22 6.86
C PRO C 125 -4.99 13.92 7.28
N HIS C 126 -5.03 14.70 8.36
CA HIS C 126 -3.80 15.36 8.88
C HIS C 126 -2.75 14.35 9.33
N LEU C 127 -3.19 13.26 9.95
CA LEU C 127 -2.27 12.20 10.36
C LEU C 127 -1.60 11.57 9.13
N MET C 128 -2.40 11.30 8.10
CA MET C 128 -1.86 10.69 6.87
C MET C 128 -0.83 11.58 6.21
N GLN C 129 -1.13 12.88 6.14
CA GLN C 129 -0.18 13.84 5.61
C GLN C 129 1.10 13.89 6.41
N ASP C 130 0.97 13.95 7.74
CA ASP C 130 2.13 13.93 8.63
C ASP C 130 2.95 12.64 8.47
N LEU C 131 2.32 11.47 8.46
CA LEU C 131 3.08 10.22 8.23
C LEU C 131 3.82 10.20 6.90
N ASP C 132 3.13 10.64 5.83
CA ASP C 132 3.68 10.67 4.48
C ASP C 132 4.87 11.63 4.41
N THR C 133 4.74 12.78 5.06
CA THR C 133 5.83 13.73 5.11
C THR C 133 6.95 13.10 5.92
N TYR C 134 6.59 12.54 7.08
CA TYR C 134 7.56 11.90 7.96
C TYR C 134 8.30 10.76 7.27
N LEU C 135 7.56 9.97 6.51
CA LEU C 135 8.14 8.86 5.78
C LEU C 135 9.05 9.34 4.67
N GLY C 136 8.64 10.40 3.97
CA GLY C 136 9.39 10.94 2.84
C GLY C 136 9.93 9.85 1.95
N GLY C 137 11.19 9.99 1.54
CA GLY C 137 11.80 9.03 0.63
C GLY C 137 12.28 7.71 1.21
N ARG C 138 12.07 7.48 2.50
CA ARG C 138 12.49 6.23 3.13
C ARG C 138 11.71 5.00 2.72
N GLU C 139 12.35 3.86 2.88
CA GLU C 139 11.77 2.55 2.61
C GLU C 139 10.89 2.14 3.80
N TRP C 140 11.39 2.41 5.02
CA TRP C 140 10.72 2.02 6.26
C TRP C 140 10.62 3.21 7.20
N LEU C 141 9.68 3.15 8.13
CA LEU C 141 9.47 4.28 9.05
C LEU C 141 10.68 4.67 9.86
N ILE C 142 11.43 3.69 10.36
CA ILE C 142 12.62 3.97 11.14
C ILE C 142 13.82 3.18 10.67
N GLY C 143 14.94 3.87 10.49
CA GLY C 143 16.19 3.21 10.14
C GLY C 143 16.13 2.65 8.75
N ASN C 144 16.91 1.60 8.52
CA ASN C 144 17.03 1.02 7.17
C ASN C 144 16.40 -0.37 7.01
N SER C 145 15.66 -0.81 8.03
CA SER C 145 15.00 -2.10 8.02
C SER C 145 13.70 -2.03 8.81
N VAL C 146 12.83 -3.03 8.54
CA VAL C 146 11.50 -3.11 9.11
C VAL C 146 11.58 -3.22 10.63
N THR C 147 10.65 -2.58 11.31
CA THR C 147 10.56 -2.64 12.78
C THR C 147 9.08 -2.87 13.07
N TRP C 148 8.72 -3.18 14.32
CA TRP C 148 7.32 -3.37 14.69
C TRP C 148 6.44 -2.11 14.48
N ALA C 149 7.08 -0.96 14.23
CA ALA C 149 6.39 0.28 13.93
C ALA C 149 5.78 0.24 12.51
N ASP C 150 6.45 -0.46 11.61
CA ASP C 150 5.94 -0.67 10.24
C ASP C 150 4.76 -1.63 10.34
N PHE C 151 4.85 -2.61 11.24
CA PHE C 151 3.77 -3.56 11.46
C PHE C 151 2.56 -2.81 11.99
N TYR C 152 2.78 -1.95 12.99
CA TYR C 152 1.69 -1.22 13.62
C TYR C 152 0.99 -0.28 12.62
N TRP C 153 1.78 0.33 11.73
CA TRP C 153 1.19 1.19 10.70
C TRP C 153 0.22 0.43 9.81
N GLU C 154 0.65 -0.73 9.32
CA GLU C 154 -0.16 -1.56 8.40
C GLU C 154 -1.42 -2.00 9.14
N ILE C 155 -1.26 -2.40 10.39
CA ILE C 155 -2.38 -2.83 11.25
C ILE C 155 -3.38 -1.70 11.48
N CYS C 156 -2.89 -0.55 11.94
CA CYS C 156 -3.76 0.57 12.17
C CYS C 156 -4.45 1.04 10.91
N SER C 157 -3.69 1.17 9.83
CA SER C 157 -4.26 1.65 8.56
C SER C 157 -5.29 0.68 7.98
N THR C 158 -5.12 -0.62 8.22
CA THR C 158 -6.08 -1.63 7.74
C THR C 158 -7.47 -1.33 8.31
N THR C 159 -7.52 -0.98 9.59
CA THR C 159 -8.75 -0.68 10.29
C THR C 159 -9.33 0.66 9.88
N LEU C 160 -8.48 1.70 9.83
CA LEU C 160 -8.93 3.02 9.40
C LEU C 160 -9.55 2.97 8.00
N LEU C 161 -8.95 2.20 7.09
CA LEU C 161 -9.47 1.99 5.73
C LEU C 161 -10.85 1.34 5.73
N VAL C 162 -11.12 0.49 6.72
CA VAL C 162 -12.43 -0.16 6.84
C VAL C 162 -13.52 0.89 6.98
N PHE C 163 -13.22 1.91 7.78
CA PHE C 163 -14.13 3.02 8.02
C PHE C 163 -14.01 4.20 7.07
N LYS C 164 -12.86 4.32 6.41
CA LYS C 164 -12.63 5.44 5.51
C LYS C 164 -11.81 4.88 4.34
N PRO C 165 -12.50 4.24 3.38
CA PRO C 165 -11.81 3.57 2.29
C PRO C 165 -10.92 4.47 1.42
N ASP C 166 -11.18 5.78 1.44
CA ASP C 166 -10.41 6.70 0.61
C ASP C 166 -9.20 7.27 1.34
N LEU C 167 -8.85 6.70 2.49
CA LEU C 167 -7.78 7.24 3.34
C LEU C 167 -6.43 7.46 2.66
N LEU C 168 -6.01 6.52 1.83
CA LEU C 168 -4.70 6.60 1.19
C LEU C 168 -4.76 6.88 -0.31
N ASP C 169 -5.90 7.35 -0.79
CA ASP C 169 -6.09 7.66 -2.21
C ASP C 169 -5.08 8.65 -2.74
N ASN C 170 -4.62 9.55 -1.89
CA ASN C 170 -3.63 10.52 -2.32
C ASN C 170 -2.26 10.31 -1.68
N HIS C 171 -2.07 9.14 -1.05
CA HIS C 171 -0.79 8.83 -0.38
C HIS C 171 -0.14 7.52 -0.80
N PRO C 172 0.33 7.44 -2.06
CA PRO C 172 0.98 6.22 -2.58
C PRO C 172 2.19 5.76 -1.79
N ARG C 173 2.94 6.67 -1.17
CA ARG C 173 4.10 6.24 -0.39
C ARG C 173 3.64 5.44 0.83
N LEU C 174 2.44 5.73 1.32
CA LEU C 174 1.88 5.05 2.49
C LEU C 174 1.30 3.71 2.09
N VAL C 175 0.69 3.65 0.91
CA VAL C 175 0.22 2.39 0.32
C VAL C 175 1.45 1.50 0.04
N THR C 176 2.52 2.07 -0.52
CA THR C 176 3.73 1.30 -0.78
C THR C 176 4.22 0.59 0.50
N LEU C 177 4.25 1.32 1.61
CA LEU C 177 4.68 0.75 2.89
C LEU C 177 3.77 -0.42 3.37
N ARG C 178 2.45 -0.29 3.23
CA ARG C 178 1.52 -1.37 3.59
C ARG C 178 1.86 -2.59 2.73
N LYS C 179 2.09 -2.36 1.44
CA LYS C 179 2.50 -3.40 0.48
C LYS C 179 3.78 -4.11 0.89
N LYS C 180 4.78 -3.34 1.32
CA LYS C 180 6.06 -3.90 1.74
C LYS C 180 5.85 -4.78 2.97
N VAL C 181 5.14 -4.29 3.98
CA VAL C 181 4.85 -5.11 5.17
C VAL C 181 4.10 -6.39 4.80
N GLN C 182 3.03 -6.25 4.02
CA GLN C 182 2.20 -7.39 3.62
C GLN C 182 2.95 -8.37 2.75
N ALA C 183 4.09 -7.96 2.16
CA ALA C 183 4.92 -8.81 1.28
C ALA C 183 5.98 -9.64 2.04
N ILE C 184 6.21 -9.31 3.31
CA ILE C 184 7.06 -10.13 4.17
C ILE C 184 6.34 -11.48 4.29
N PRO C 185 7.00 -12.57 3.84
CA PRO C 185 6.36 -13.91 3.84
C PRO C 185 5.66 -14.34 5.14
N ALA C 186 6.27 -14.08 6.30
CA ALA C 186 5.64 -14.46 7.57
C ALA C 186 4.35 -13.69 7.81
N VAL C 187 4.37 -12.42 7.42
CA VAL C 187 3.20 -11.54 7.53
C VAL C 187 2.13 -11.99 6.52
N ALA C 188 2.52 -12.12 5.25
CA ALA C 188 1.61 -12.54 4.16
C ALA C 188 0.86 -13.84 4.51
N ASN C 189 1.59 -14.80 5.07
CA ASN C 189 1.00 -16.08 5.42
C ASN C 189 0.04 -15.97 6.59
N TRP C 190 0.32 -15.06 7.54
CA TRP C 190 -0.60 -14.82 8.64
C TRP C 190 -1.86 -14.12 8.12
N ILE C 191 -1.68 -13.10 7.30
CA ILE C 191 -2.80 -12.37 6.72
C ILE C 191 -3.77 -13.33 6.02
N LYS C 192 -3.23 -14.33 5.33
CA LYS C 192 -4.02 -15.34 4.63
C LYS C 192 -4.82 -16.25 5.55
N ARG C 193 -4.19 -16.74 6.60
CA ARG C 193 -4.85 -17.68 7.47
C ARG C 193 -5.73 -17.08 8.58
N ARG C 194 -5.48 -15.82 8.99
CA ARG C 194 -6.24 -15.21 10.09
C ARG C 194 -7.76 -15.16 9.81
N PRO C 195 -8.58 -15.32 10.87
CA PRO C 195 -10.02 -15.16 10.64
C PRO C 195 -10.29 -13.76 10.04
N GLN C 196 -11.13 -13.68 9.01
CA GLN C 196 -11.44 -12.40 8.40
C GLN C 196 -12.44 -11.67 9.29
N THR C 197 -12.06 -10.47 9.73
CA THR C 197 -12.91 -9.68 10.61
C THR C 197 -12.90 -8.23 10.19
N LYS C 198 -13.89 -7.47 10.62
CA LYS C 198 -13.93 -6.05 10.33
C LYS C 198 -12.85 -5.33 11.14
N LEU C 199 -12.81 -5.62 12.43
CA LEU C 199 -11.91 -4.99 13.38
C LEU C 199 -10.72 -5.86 13.76
N PRO D 2 24.83 16.08 26.95
CA PRO D 2 24.03 16.38 25.77
C PRO D 2 23.16 17.61 26.02
N ASN D 3 22.96 18.41 24.99
CA ASN D 3 22.15 19.61 25.14
C ASN D 3 20.72 19.25 24.85
N TYR D 4 19.86 19.47 25.84
CA TYR D 4 18.44 19.15 25.74
C TYR D 4 17.56 20.38 25.83
N LYS D 5 16.55 20.42 24.96
CA LYS D 5 15.55 21.49 25.00
C LYS D 5 14.15 20.89 24.97
N LEU D 6 13.44 21.03 26.08
CA LEU D 6 12.09 20.53 26.21
C LEU D 6 11.11 21.65 25.90
N THR D 7 10.18 21.39 24.98
CA THR D 7 9.17 22.38 24.62
C THR D 7 7.80 21.85 24.99
N TYR D 8 7.01 22.68 25.68
CA TYR D 8 5.64 22.32 26.10
C TYR D 8 4.94 23.57 26.63
N PHE D 9 3.71 23.44 27.10
CA PHE D 9 2.99 24.56 27.71
C PHE D 9 3.54 24.81 29.12
N ASN D 10 3.01 25.82 29.82
CA ASN D 10 3.38 26.12 31.20
C ASN D 10 2.43 25.29 32.09
N MET D 11 2.67 23.99 32.06
CA MET D 11 1.91 22.97 32.77
C MET D 11 2.80 21.77 33.07
N ARG D 12 2.40 21.02 34.11
CA ARG D 12 3.06 19.76 34.40
C ARG D 12 2.64 18.89 33.20
N GLY D 13 1.34 18.64 33.09
CA GLY D 13 0.74 17.87 31.99
C GLY D 13 1.51 16.65 31.52
N ARG D 14 1.77 16.60 30.22
CA ARG D 14 2.44 15.45 29.61
C ARG D 14 3.96 15.61 29.53
N ALA D 15 4.50 16.78 29.87
CA ALA D 15 5.95 16.93 29.90
C ALA D 15 6.50 16.69 31.30
N GLU D 16 5.64 16.65 32.32
CA GLU D 16 6.12 16.52 33.71
C GLU D 16 6.95 15.26 33.95
N ILE D 17 6.52 14.16 33.34
CA ILE D 17 7.24 12.90 33.45
C ILE D 17 8.71 13.07 33.05
N ILE D 18 8.94 13.80 31.96
CA ILE D 18 10.30 14.07 31.45
C ILE D 18 11.06 14.98 32.42
N ARG D 19 10.34 15.94 33.01
CA ARG D 19 10.95 16.86 33.98
C ARG D 19 11.41 16.09 35.25
N TYR D 20 10.55 15.22 35.77
CA TYR D 20 10.91 14.37 36.90
C TYR D 20 12.17 13.57 36.61
N ILE D 21 12.22 12.99 35.41
CA ILE D 21 13.35 12.18 34.98
C ILE D 21 14.67 12.96 34.89
N PHE D 22 14.64 14.14 34.25
CA PHE D 22 15.80 15.03 34.15
C PHE D 22 16.25 15.49 35.54
N ALA D 23 15.30 15.70 36.44
CA ALA D 23 15.59 16.09 37.82
C ALA D 23 16.26 14.94 38.59
N TYR D 24 15.63 13.77 38.59
CA TYR D 24 16.19 12.61 39.27
C TYR D 24 17.60 12.26 38.77
N LEU D 25 17.83 12.38 37.47
CA LEU D 25 19.13 12.08 36.86
C LEU D 25 20.14 13.22 36.90
N ASP D 26 19.75 14.37 37.41
CA ASP D 26 20.64 15.53 37.53
C ASP D 26 21.15 15.95 36.14
N ILE D 27 20.21 16.13 35.21
CA ILE D 27 20.52 16.49 33.83
C ILE D 27 19.97 17.88 33.54
N GLN D 28 20.76 18.73 32.88
CA GLN D 28 20.33 20.09 32.51
C GLN D 28 19.61 20.08 31.17
N TYR D 29 18.58 20.89 31.06
CA TYR D 29 17.78 21.02 29.86
C TYR D 29 17.09 22.38 29.90
N GLU D 30 16.76 22.93 28.74
CA GLU D 30 16.05 24.18 28.74
C GLU D 30 14.57 23.85 28.88
N ASP D 31 14.00 24.23 30.02
CA ASP D 31 12.60 23.98 30.25
C ASP D 31 11.86 25.12 29.57
N HIS D 32 11.68 24.99 28.25
CA HIS D 32 10.97 26.01 27.50
C HIS D 32 9.47 25.82 27.56
N ARG D 33 8.79 26.83 28.10
CA ARG D 33 7.34 26.83 28.25
C ARG D 33 6.73 27.92 27.38
N ILE D 34 5.78 27.52 26.53
CA ILE D 34 5.11 28.43 25.60
C ILE D 34 3.70 28.80 26.02
N GLU D 35 3.18 29.86 25.40
CA GLU D 35 1.85 30.38 25.69
C GLU D 35 0.79 29.88 24.71
N GLN D 36 -0.41 29.60 25.25
CA GLN D 36 -1.55 29.07 24.51
C GLN D 36 -1.89 29.83 23.21
N ALA D 37 -1.54 31.11 23.16
CA ALA D 37 -1.79 31.97 22.02
C ALA D 37 -0.65 31.94 21.00
N ASP D 38 0.58 31.89 21.51
CA ASP D 38 1.79 31.86 20.69
C ASP D 38 1.98 30.44 20.14
N TRP D 39 0.95 29.63 20.32
CA TRP D 39 0.96 28.21 19.94
C TRP D 39 0.71 27.84 18.46
N PRO D 40 -0.49 28.15 17.92
CA PRO D 40 -0.84 27.77 16.54
C PRO D 40 0.26 27.88 15.48
N GLU D 41 1.16 28.86 15.62
CA GLU D 41 2.24 29.05 14.65
C GLU D 41 3.32 27.96 14.79
N ILE D 42 3.67 27.65 16.04
CA ILE D 42 4.67 26.62 16.37
C ILE D 42 4.22 25.23 15.90
N LYS D 43 2.92 24.94 16.09
CA LYS D 43 2.33 23.66 15.71
C LYS D 43 2.64 23.22 14.28
N SER D 44 2.51 24.14 13.32
CA SER D 44 2.75 23.86 11.91
C SER D 44 4.20 23.49 11.54
N THR D 45 5.14 23.69 12.47
CA THR D 45 6.54 23.34 12.23
C THR D 45 6.88 21.99 12.86
N LEU D 46 5.97 21.49 13.69
CA LEU D 46 6.16 20.23 14.42
C LEU D 46 5.90 18.99 13.56
N PRO D 47 6.61 17.89 13.85
CA PRO D 47 6.53 16.65 13.05
C PRO D 47 5.08 16.16 12.92
N PHE D 48 4.37 16.15 14.03
CA PHE D 48 3.01 15.68 14.06
C PHE D 48 2.11 16.68 14.76
N GLY D 49 2.63 17.89 14.91
CA GLY D 49 1.88 18.99 15.51
C GLY D 49 1.45 18.77 16.95
N LYS D 50 2.27 18.04 17.70
CA LYS D 50 1.98 17.78 19.11
C LYS D 50 3.17 18.05 20.02
N ILE D 51 2.85 18.42 21.25
CA ILE D 51 3.85 18.66 22.27
C ILE D 51 3.52 17.75 23.47
N PRO D 52 4.52 17.40 24.29
CA PRO D 52 5.92 17.79 24.31
C PRO D 52 6.82 17.28 23.17
N ILE D 53 7.90 18.02 22.94
CA ILE D 53 8.97 17.61 22.06
C ILE D 53 10.28 17.79 22.84
N LEU D 54 11.30 17.03 22.49
CA LEU D 54 12.59 17.15 23.13
C LEU D 54 13.61 17.22 22.02
N GLU D 55 14.40 18.30 22.01
CA GLU D 55 15.41 18.49 21.01
C GLU D 55 16.74 18.07 21.60
N VAL D 56 17.47 17.26 20.85
CA VAL D 56 18.76 16.75 21.26
C VAL D 56 19.62 16.90 20.04
N ASP D 57 20.74 17.61 20.18
CA ASP D 57 21.67 17.79 19.07
C ASP D 57 20.92 18.04 17.75
N GLY D 58 20.01 19.02 17.75
CA GLY D 58 19.24 19.38 16.56
C GLY D 58 18.17 18.39 16.12
N LEU D 59 18.19 17.19 16.71
CA LEU D 59 17.21 16.14 16.42
C LEU D 59 15.98 16.41 17.27
N THR D 60 14.79 16.20 16.69
CA THR D 60 13.55 16.40 17.41
C THR D 60 12.89 15.05 17.75
N LEU D 61 12.63 14.86 19.04
CA LEU D 61 11.95 13.69 19.53
C LEU D 61 10.58 14.14 19.97
N HIS D 62 9.60 13.24 19.90
CA HIS D 62 8.23 13.53 20.31
C HIS D 62 7.66 12.33 21.07
N GLN D 63 6.44 12.48 21.59
CA GLN D 63 5.76 11.46 22.41
C GLN D 63 6.38 11.32 23.80
N SER D 64 5.66 11.80 24.80
CA SER D 64 6.23 11.87 26.16
C SER D 64 6.71 10.55 26.71
N LEU D 65 5.91 9.49 26.54
CA LEU D 65 6.28 8.17 27.04
C LEU D 65 7.44 7.56 26.28
N ALA D 66 7.49 7.80 24.96
CA ALA D 66 8.59 7.31 24.16
C ALA D 66 9.88 7.99 24.64
N ILE D 67 9.80 9.29 24.91
CA ILE D 67 10.95 10.06 25.41
C ILE D 67 11.35 9.57 26.79
N ALA D 68 10.39 9.51 27.70
CA ALA D 68 10.61 9.04 29.05
C ALA D 68 11.28 7.67 29.07
N ARG D 69 10.88 6.78 28.16
CA ARG D 69 11.50 5.46 28.06
C ARG D 69 12.95 5.55 27.56
N TYR D 70 13.18 6.46 26.61
CA TYR D 70 14.51 6.66 26.06
C TYR D 70 15.49 7.16 27.16
N LEU D 71 15.08 8.18 27.90
CA LEU D 71 15.94 8.78 28.94
C LEU D 71 16.23 7.86 30.13
N THR D 72 15.35 6.90 30.40
CA THR D 72 15.51 6.03 31.56
C THR D 72 16.17 4.69 31.26
N LYS D 73 16.39 4.44 29.98
CA LYS D 73 17.05 3.21 29.55
C LYS D 73 18.46 3.24 30.14
N ASN D 74 18.83 2.13 30.78
CA ASN D 74 20.12 1.95 31.47
C ASN D 74 20.30 2.91 32.65
N THR D 75 19.20 3.20 33.35
CA THR D 75 19.25 4.03 34.54
C THR D 75 18.56 3.25 35.64
N ASP D 76 18.62 3.78 36.86
CA ASP D 76 17.94 3.17 38.00
C ASP D 76 16.41 3.16 37.82
N LEU D 77 15.92 4.06 36.98
CA LEU D 77 14.46 4.22 36.76
C LEU D 77 13.83 3.16 35.86
N ALA D 78 14.66 2.48 35.09
CA ALA D 78 14.20 1.41 34.24
C ALA D 78 14.02 0.19 35.13
N GLY D 79 13.18 -0.74 34.67
CA GLY D 79 13.00 -2.01 35.38
C GLY D 79 14.35 -2.70 35.41
N ASN D 80 14.57 -3.50 36.45
CA ASN D 80 15.86 -4.17 36.62
C ASN D 80 16.18 -5.24 35.56
N THR D 81 15.13 -5.83 34.99
CA THR D 81 15.24 -6.88 33.97
C THR D 81 14.29 -6.55 32.83
N GLU D 82 14.40 -7.29 31.73
CA GLU D 82 13.52 -7.11 30.57
C GLU D 82 12.03 -7.32 30.89
N MET D 83 11.74 -8.21 31.84
CA MET D 83 10.38 -8.51 32.29
C MET D 83 9.83 -7.37 33.17
N GLU D 84 10.65 -6.86 34.10
CA GLU D 84 10.24 -5.74 34.94
C GLU D 84 9.96 -4.52 34.07
N GLN D 85 10.78 -4.34 33.03
CA GLN D 85 10.57 -3.28 32.04
C GLN D 85 9.19 -3.43 31.38
N CYS D 86 8.76 -4.67 31.10
CA CYS D 86 7.43 -4.92 30.53
C CYS D 86 6.36 -4.48 31.52
N HIS D 87 6.55 -4.81 32.80
CA HIS D 87 5.58 -4.41 33.84
C HIS D 87 5.54 -2.90 34.02
N VAL D 88 6.71 -2.25 33.96
CA VAL D 88 6.82 -0.80 34.07
C VAL D 88 5.98 -0.20 32.94
N ASP D 89 6.22 -0.64 31.70
CA ASP D 89 5.47 -0.15 30.54
C ASP D 89 3.96 -0.36 30.67
N ALA D 90 3.58 -1.56 31.15
CA ALA D 90 2.18 -1.94 31.31
C ALA D 90 1.43 -1.08 32.31
N ILE D 91 2.12 -0.69 33.38
CA ILE D 91 1.49 0.16 34.42
C ILE D 91 1.41 1.59 33.91
N VAL D 92 2.47 2.03 33.24
CA VAL D 92 2.48 3.37 32.65
C VAL D 92 1.37 3.47 31.60
N ASP D 93 1.21 2.44 30.76
CA ASP D 93 0.15 2.45 29.74
C ASP D 93 -1.24 2.43 30.35
N THR D 94 -1.41 1.68 31.43
CA THR D 94 -2.69 1.56 32.15
C THR D 94 -3.07 2.93 32.71
N LEU D 95 -2.10 3.59 33.36
CA LEU D 95 -2.33 4.95 33.87
C LEU D 95 -2.67 5.90 32.72
N ASP D 96 -1.87 5.82 31.67
CA ASP D 96 -1.99 6.70 30.50
C ASP D 96 -3.29 6.53 29.74
N ASP D 97 -3.78 5.29 29.64
CA ASP D 97 -5.08 5.03 29.00
C ASP D 97 -6.17 5.78 29.75
N PHE D 98 -6.11 5.75 31.09
CA PHE D 98 -7.14 6.40 31.89
C PHE D 98 -7.18 7.93 31.74
N MET D 99 -6.00 8.55 31.70
CA MET D 99 -5.89 9.99 31.56
C MET D 99 -6.32 10.39 30.15
N SER D 100 -6.28 9.43 29.22
CA SER D 100 -6.66 9.66 27.82
C SER D 100 -8.17 9.68 27.61
N CYS D 101 -8.90 9.08 28.54
CA CYS D 101 -10.35 9.08 28.50
C CYS D 101 -10.94 10.47 28.79
N PHE D 102 -10.16 11.31 29.49
CA PHE D 102 -10.56 12.68 29.84
C PHE D 102 -10.52 13.61 28.64
N PRO D 103 -11.62 14.37 28.43
CA PRO D 103 -11.68 15.28 27.28
C PRO D 103 -11.07 16.66 27.59
N TRP D 104 -9.74 16.73 27.62
CA TRP D 104 -9.03 17.97 27.91
C TRP D 104 -9.25 19.06 26.86
N ALA D 105 -9.59 18.67 25.64
CA ALA D 105 -9.78 19.62 24.54
C ALA D 105 -11.13 20.37 24.53
N GLU D 106 -12.24 19.62 24.55
CA GLU D 106 -13.61 20.17 24.56
C GLU D 106 -13.71 21.59 25.14
N LYS D 107 -14.20 22.53 24.33
CA LYS D 107 -14.32 23.91 24.80
C LYS D 107 -15.80 24.24 25.09
N LYS D 108 -16.60 23.19 25.28
CA LYS D 108 -18.00 23.30 25.66
C LYS D 108 -17.98 22.91 27.14
N GLN D 109 -17.61 23.86 27.99
CA GLN D 109 -17.42 23.64 29.44
C GLN D 109 -18.42 22.71 30.16
N ASP D 110 -19.70 22.76 29.76
CA ASP D 110 -20.73 21.92 30.37
C ASP D 110 -20.51 20.42 30.13
N VAL D 111 -20.33 20.04 28.87
CA VAL D 111 -20.08 18.65 28.47
C VAL D 111 -18.88 18.09 29.22
N LYS D 112 -17.77 18.83 29.10
CA LYS D 112 -16.50 18.52 29.74
C LYS D 112 -16.67 18.23 31.24
N GLU D 113 -17.22 19.19 31.99
CA GLU D 113 -17.42 19.03 33.43
C GLU D 113 -18.18 17.75 33.81
N GLN D 114 -19.18 17.38 33.01
CA GLN D 114 -19.96 16.16 33.25
C GLN D 114 -19.13 14.91 32.93
N MET D 115 -18.47 14.89 31.77
CA MET D 115 -17.58 13.78 31.42
C MET D 115 -16.48 13.57 32.46
N PHE D 116 -15.94 14.68 32.98
CA PHE D 116 -14.97 14.64 34.07
C PHE D 116 -15.63 14.08 35.32
N ASN D 117 -16.86 14.50 35.61
CA ASN D 117 -17.60 14.01 36.77
C ASN D 117 -17.88 12.52 36.63
N GLU D 118 -18.26 12.11 35.42
CA GLU D 118 -18.57 10.70 35.14
C GLU D 118 -17.35 9.81 35.41
N LEU D 119 -16.26 10.08 34.71
CA LEU D 119 -15.01 9.34 34.88
C LEU D 119 -14.53 9.35 36.32
N LEU D 120 -14.48 10.53 36.93
CA LEU D 120 -13.99 10.69 38.30
C LEU D 120 -14.76 9.93 39.35
N THR D 121 -16.08 10.05 39.32
CA THR D 121 -16.92 9.41 40.33
C THR D 121 -17.28 7.95 40.01
N TYR D 122 -17.37 7.60 38.72
CA TYR D 122 -17.79 6.25 38.35
C TYR D 122 -16.73 5.27 37.76
N ASN D 123 -15.53 5.76 37.42
CA ASN D 123 -14.48 4.88 36.85
C ASN D 123 -13.17 4.90 37.66
N ALA D 124 -12.75 6.10 38.05
CA ALA D 124 -11.57 6.31 38.85
C ALA D 124 -11.53 5.44 40.12
N PRO D 125 -12.69 5.27 40.81
CA PRO D 125 -12.65 4.40 41.99
C PRO D 125 -12.26 2.94 41.65
N HIS D 126 -12.66 2.47 40.46
CA HIS D 126 -12.30 1.12 39.99
C HIS D 126 -10.81 0.97 39.65
N LEU D 127 -10.21 2.04 39.14
CA LEU D 127 -8.79 2.02 38.83
C LEU D 127 -7.94 2.09 40.10
N MET D 128 -8.33 2.94 41.06
CA MET D 128 -7.61 3.06 42.33
C MET D 128 -7.58 1.72 43.09
N GLN D 129 -8.69 0.99 42.98
CA GLN D 129 -8.84 -0.33 43.60
C GLN D 129 -7.96 -1.38 42.93
N ASP D 130 -7.99 -1.40 41.59
CA ASP D 130 -7.14 -2.29 40.79
C ASP D 130 -5.67 -2.02 41.09
N LEU D 131 -5.29 -0.75 41.07
CA LEU D 131 -3.93 -0.31 41.41
C LEU D 131 -3.54 -0.69 42.84
N ASP D 132 -4.45 -0.46 43.79
CA ASP D 132 -4.19 -0.78 45.20
C ASP D 132 -3.99 -2.29 45.41
N THR D 133 -4.78 -3.12 44.73
CA THR D 133 -4.61 -4.57 44.77
C THR D 133 -3.29 -4.96 44.10
N TYR D 134 -2.97 -4.29 42.98
CA TYR D 134 -1.73 -4.53 42.25
C TYR D 134 -0.47 -4.26 43.09
N LEU D 135 -0.44 -3.11 43.76
CA LEU D 135 0.67 -2.76 44.64
C LEU D 135 0.77 -3.78 45.78
N GLY D 136 -0.39 -4.28 46.22
CA GLY D 136 -0.47 -5.28 47.27
C GLY D 136 0.06 -4.76 48.58
N GLY D 137 1.28 -5.20 48.91
CA GLY D 137 1.95 -4.79 50.13
C GLY D 137 3.35 -4.28 49.87
N ARG D 138 3.71 -4.16 48.60
CA ARG D 138 5.04 -3.74 48.19
C ARG D 138 5.35 -2.28 48.47
N GLU D 139 6.64 -1.95 48.34
CA GLU D 139 7.13 -0.61 48.58
C GLU D 139 6.95 0.25 47.35
N TRP D 140 7.28 -0.34 46.19
CA TRP D 140 7.17 0.31 44.90
C TRP D 140 6.27 -0.50 43.97
N LEU D 141 5.87 0.09 42.85
CA LEU D 141 4.99 -0.59 41.89
C LEU D 141 5.63 -1.83 41.24
N ILE D 142 6.87 -1.68 40.79
CA ILE D 142 7.59 -2.78 40.15
C ILE D 142 8.97 -3.02 40.80
N GLY D 143 9.29 -4.30 40.98
CA GLY D 143 10.60 -4.72 41.51
C GLY D 143 10.87 -4.26 42.92
N ASN D 144 12.15 -4.17 43.29
CA ASN D 144 12.47 -3.77 44.67
C ASN D 144 12.80 -2.28 44.86
N SER D 145 12.87 -1.52 43.76
CA SER D 145 13.17 -0.09 43.84
C SER D 145 12.31 0.77 42.89
N VAL D 146 12.46 2.09 43.03
CA VAL D 146 11.65 3.05 42.28
C VAL D 146 11.92 2.99 40.79
N THR D 147 10.84 3.10 40.01
CA THR D 147 10.94 3.16 38.55
C THR D 147 10.17 4.37 38.07
N TRP D 148 10.26 4.69 36.76
CA TRP D 148 9.47 5.81 36.23
C TRP D 148 7.95 5.58 36.29
N ALA D 149 7.53 4.35 36.58
CA ALA D 149 6.11 4.04 36.76
C ALA D 149 5.57 4.64 38.07
N ASP D 150 6.36 4.55 39.15
CA ASP D 150 6.03 5.20 40.42
C ASP D 150 6.00 6.72 40.20
N PHE D 151 6.94 7.22 39.40
CA PHE D 151 6.96 8.64 39.03
C PHE D 151 5.65 8.99 38.32
N TYR D 152 5.27 8.20 37.31
CA TYR D 152 4.06 8.47 36.53
C TYR D 152 2.81 8.31 37.37
N TRP D 153 2.85 7.40 38.34
CA TRP D 153 1.73 7.29 39.28
C TRP D 153 1.53 8.59 40.06
N GLU D 154 2.60 9.09 40.67
CA GLU D 154 2.51 10.30 41.48
C GLU D 154 2.01 11.46 40.62
N ILE D 155 2.60 11.64 39.45
CA ILE D 155 2.20 12.70 38.49
C ILE D 155 0.71 12.61 38.09
N CYS D 156 0.25 11.43 37.68
CA CYS D 156 -1.15 11.27 37.27
C CYS D 156 -2.11 11.48 38.44
N SER D 157 -1.80 10.87 39.59
CA SER D 157 -2.66 11.02 40.77
C SER D 157 -2.72 12.47 41.25
N THR D 158 -1.65 13.25 41.07
CA THR D 158 -1.65 14.66 41.48
C THR D 158 -2.78 15.41 40.78
N THR D 159 -2.80 15.33 39.45
CA THR D 159 -3.86 15.94 38.65
C THR D 159 -5.23 15.39 39.01
N LEU D 160 -5.37 14.06 39.05
CA LEU D 160 -6.65 13.48 39.45
C LEU D 160 -7.13 13.94 40.85
N LEU D 161 -6.22 14.38 41.71
CA LEU D 161 -6.64 14.85 43.03
C LEU D 161 -7.20 16.27 43.01
N VAL D 162 -6.79 17.04 42.02
CA VAL D 162 -7.29 18.39 41.84
C VAL D 162 -8.80 18.38 41.68
N PHE D 163 -9.31 17.44 40.89
CA PHE D 163 -10.74 17.36 40.62
C PHE D 163 -11.48 16.44 41.58
N LYS D 164 -10.74 15.53 42.22
CA LYS D 164 -11.33 14.59 43.15
C LYS D 164 -10.36 14.33 44.30
N PRO D 165 -10.42 15.16 45.36
CA PRO D 165 -9.50 15.07 46.51
C PRO D 165 -9.69 13.81 47.35
N ASP D 166 -10.93 13.32 47.44
CA ASP D 166 -11.23 12.13 48.20
C ASP D 166 -10.89 10.84 47.46
N LEU D 167 -10.29 10.99 46.28
CA LEU D 167 -9.91 9.88 45.39
C LEU D 167 -9.22 8.69 46.08
N LEU D 168 -8.25 8.98 46.94
CA LEU D 168 -7.46 7.94 47.61
C LEU D 168 -7.77 7.77 49.09
N ASP D 169 -9.03 7.92 49.49
CA ASP D 169 -9.42 7.76 50.90
C ASP D 169 -9.41 6.32 51.41
N ASN D 170 -9.89 5.39 50.59
CA ASN D 170 -9.89 3.99 50.99
C ASN D 170 -8.59 3.32 50.60
N HIS D 171 -7.65 4.12 50.10
CA HIS D 171 -6.37 3.60 49.60
C HIS D 171 -5.12 4.29 50.16
N PRO D 172 -4.91 4.21 51.49
CA PRO D 172 -3.73 4.85 52.10
C PRO D 172 -2.40 4.36 51.53
N ARG D 173 -2.37 3.12 51.04
CA ARG D 173 -1.15 2.55 50.47
C ARG D 173 -0.68 3.27 49.21
N LEU D 174 -1.65 3.80 48.45
CA LEU D 174 -1.35 4.57 47.25
C LEU D 174 -0.88 5.98 47.62
N VAL D 175 -1.46 6.54 48.69
CA VAL D 175 -1.06 7.86 49.19
C VAL D 175 0.40 7.80 49.66
N THR D 176 0.73 6.72 50.38
CA THR D 176 2.07 6.51 50.87
C THR D 176 3.07 6.45 49.71
N LEU D 177 2.69 5.74 48.64
CA LEU D 177 3.53 5.64 47.45
C LEU D 177 3.79 7.02 46.85
N ARG D 178 2.77 7.88 46.83
CA ARG D 178 2.91 9.24 46.36
C ARG D 178 3.90 9.99 47.25
N LYS D 179 3.71 9.87 48.55
CA LYS D 179 4.59 10.48 49.56
C LYS D 179 6.03 10.04 49.39
N LYS D 180 6.22 8.73 49.15
CA LYS D 180 7.54 8.17 48.96
C LYS D 180 8.21 8.73 47.71
N VAL D 181 7.42 8.89 46.64
CA VAL D 181 7.98 9.48 45.41
C VAL D 181 8.32 10.95 45.69
N GLN D 182 7.38 11.64 46.34
CA GLN D 182 7.55 13.06 46.67
C GLN D 182 8.71 13.34 47.63
N ALA D 183 9.18 12.30 48.32
CA ALA D 183 10.25 12.42 49.30
C ALA D 183 11.64 12.24 48.71
N ILE D 184 11.75 11.60 47.53
CA ILE D 184 13.06 11.44 46.88
C ILE D 184 13.63 12.86 46.73
N PRO D 185 14.82 13.12 47.31
CA PRO D 185 15.46 14.47 47.26
C PRO D 185 15.36 15.21 45.93
N ALA D 186 15.82 14.61 44.83
CA ALA D 186 15.78 15.26 43.52
C ALA D 186 14.35 15.59 43.09
N VAL D 187 13.37 14.80 43.52
CA VAL D 187 11.98 15.08 43.17
C VAL D 187 11.42 16.20 44.08
N ALA D 188 11.69 16.10 45.39
CA ALA D 188 11.23 17.10 46.35
C ALA D 188 11.71 18.48 45.92
N ASN D 189 12.98 18.54 45.51
CA ASN D 189 13.60 19.78 45.07
C ASN D 189 12.88 20.32 43.86
N TRP D 190 12.67 19.48 42.84
CA TRP D 190 11.95 19.90 41.64
C TRP D 190 10.52 20.39 41.95
N ILE D 191 9.82 19.73 42.86
CA ILE D 191 8.45 20.14 43.26
C ILE D 191 8.43 21.57 43.87
N LYS D 192 9.56 21.98 44.45
CA LYS D 192 9.69 23.32 45.02
C LYS D 192 10.13 24.34 43.95
N ARG D 193 11.04 23.90 43.10
CA ARG D 193 11.57 24.76 42.05
C ARG D 193 10.60 25.02 40.90
N ARG D 194 9.81 24.03 40.52
CA ARG D 194 8.92 24.18 39.37
C ARG D 194 7.84 25.26 39.54
N PRO D 195 7.44 25.91 38.42
CA PRO D 195 6.34 26.87 38.42
C PRO D 195 5.10 26.20 38.99
N GLN D 196 4.30 26.94 39.76
CA GLN D 196 3.09 26.42 40.38
C GLN D 196 1.88 26.56 39.46
N THR D 197 1.66 25.57 38.61
CA THR D 197 0.54 25.59 37.66
C THR D 197 -0.60 24.72 38.17
N LYS D 198 -1.82 24.93 37.65
CA LYS D 198 -2.96 24.11 38.07
C LYS D 198 -2.81 22.68 37.55
N LEU D 199 -2.52 22.57 36.25
CA LEU D 199 -2.33 21.27 35.62
C LEU D 199 -0.87 21.11 35.21
#